data_5J28
#
_entry.id   5J28
#
_cell.length_a   90.832
_cell.length_b   90.832
_cell.length_c   206.717
_cell.angle_alpha   90.00
_cell.angle_beta   90.00
_cell.angle_gamma   120.00
#
_symmetry.space_group_name_H-M   'P 61'
#
loop_
_entity.id
_entity.type
_entity.pdbx_description
1 polymer 'Serine/threonine-protein phosphatase PP1-gamma catalytic subunit'
2 polymer 'Antigen KI-67'
3 non-polymer 'MALONATE ION'
4 non-polymer 'SODIUM ION'
5 water water
#
loop_
_entity_poly.entity_id
_entity_poly.type
_entity_poly.pdbx_seq_one_letter_code
_entity_poly.pdbx_strand_id
1 'polypeptide(L)'
;GHMLNIDSIIQRLLEVRGSKPGKNVQLQENEIRGLCLKSREIFLSQPILLELEAPLKICGDIHGQYYDLLRLFEYGGFPP
ESNYLFLGDYVDRGKQSLETICLLLAYKIKYPENFFLLRGNHECASINRIYGFYDECKRRYNIKLWKTFTDCFNCLPIAA
IVDEKIFCCHGGLSPDLQSMEQIRRIMRPTDVPDQGLLCDLLWSDPDKDVLGWGENDRGVSFTFGAEVVAKFLHKHDLDL
ICRAHQVVEDGYEFFAKRQLVTLFSAPNYCGEFDNAGAMMSVDETLMCSFQILKPAEKKKPNATR
;
A,B
2 'polypeptide(L)' GAMGYSEGIPLKRRRVSFGGHLRPELFDENLPPNMPLKRGEAPTKR C,D
#
# COMPACT_ATOMS: atom_id res chain seq x y z
N LEU A 4 15.28 31.15 26.20
CA LEU A 4 15.47 30.37 24.98
C LEU A 4 15.95 31.25 23.83
N ASN A 5 17.21 31.11 23.44
CA ASN A 5 17.77 31.88 22.35
C ASN A 5 17.42 31.17 21.04
N ILE A 6 16.32 31.62 20.41
CA ILE A 6 15.89 31.02 19.16
C ILE A 6 16.90 31.31 18.06
N ASP A 7 17.47 32.50 18.05
CA ASP A 7 18.46 32.85 17.03
C ASP A 7 19.68 31.96 17.13
N SER A 8 20.16 31.70 18.34
CA SER A 8 21.34 30.84 18.50
C SER A 8 21.04 29.41 18.10
N ILE A 9 19.82 28.94 18.38
CA ILE A 9 19.45 27.60 17.98
C ILE A 9 19.41 27.49 16.46
N ILE A 10 18.79 28.46 15.78
CA ILE A 10 18.73 28.44 14.33
C ILE A 10 20.13 28.51 13.72
N GLN A 11 20.98 29.40 14.25
CA GLN A 11 22.35 29.52 13.75
C GLN A 11 23.08 28.19 13.84
N ARG A 12 22.94 27.49 14.98
CA ARG A 12 23.62 26.21 15.14
C ARG A 12 23.09 25.16 14.18
N LEU A 13 21.76 25.06 14.03
CA LEU A 13 21.24 24.05 13.13
C LEU A 13 21.63 24.34 11.69
N LEU A 14 21.73 25.61 11.32
CA LEU A 14 22.15 26.01 9.98
C LEU A 14 23.67 26.03 9.81
N GLU A 15 24.44 25.64 10.83
CA GLU A 15 25.89 25.71 10.70
C GLU A 15 26.44 24.65 9.74
N VAL A 16 25.69 23.56 9.50
CA VAL A 16 26.20 22.46 8.69
C VAL A 16 25.73 22.60 7.23
N ARG A 17 25.28 23.82 6.88
CA ARG A 17 24.96 24.15 5.49
C ARG A 17 26.20 24.03 4.60
N GLY A 18 27.39 24.25 5.15
CA GLY A 18 28.59 24.08 4.37
C GLY A 18 29.43 22.89 4.76
N SER A 19 28.80 21.87 5.30
CA SER A 19 29.49 20.70 5.82
C SER A 19 29.08 19.46 5.04
N LYS A 20 30.02 18.52 4.93
CA LYS A 20 29.69 17.20 4.39
C LYS A 20 28.46 16.64 5.11
N PRO A 21 27.53 16.03 4.39
CA PRO A 21 26.41 15.33 5.05
C PRO A 21 26.91 14.30 6.06
N GLY A 22 26.11 14.09 7.13
CA GLY A 22 26.47 13.21 8.22
C GLY A 22 26.84 13.90 9.53
N LYS A 23 27.08 15.21 9.50
CA LYS A 23 27.46 15.93 10.71
C LYS A 23 26.22 16.23 11.56
N ASN A 24 26.27 15.89 12.83
CA ASN A 24 25.14 16.09 13.72
C ASN A 24 25.23 17.45 14.43
N VAL A 25 24.07 18.03 14.69
CA VAL A 25 23.92 19.21 15.56
C VAL A 25 23.26 18.73 16.84
N GLN A 26 23.93 18.87 17.97
CA GLN A 26 23.39 18.39 19.24
C GLN A 26 23.10 19.60 20.13
N LEU A 27 21.87 20.10 20.05
CA LEU A 27 21.43 21.12 20.98
C LEU A 27 21.35 20.53 22.39
N GLN A 28 21.32 21.41 23.38
CA GLN A 28 21.10 20.95 24.73
C GLN A 28 19.69 20.39 24.86
N GLU A 29 19.54 19.37 25.72
CA GLU A 29 18.23 18.77 25.94
C GLU A 29 17.21 19.82 26.40
N ASN A 30 17.63 20.79 27.21
CA ASN A 30 16.69 21.81 27.69
C ASN A 30 16.23 22.73 26.57
N GLU A 31 17.10 22.97 25.57
CA GLU A 31 16.71 23.81 24.44
C GLU A 31 15.68 23.11 23.57
N ILE A 32 15.84 21.80 23.36
CA ILE A 32 14.88 21.05 22.56
C ILE A 32 13.52 21.00 23.26
N ARG A 33 13.52 20.76 24.57
CA ARG A 33 12.28 20.84 25.33
C ARG A 33 11.64 22.21 25.19
N GLY A 34 12.44 23.27 25.23
CA GLY A 34 11.91 24.61 25.00
C GLY A 34 11.32 24.78 23.62
N LEU A 35 11.93 24.15 22.62
CA LEU A 35 11.39 24.21 21.26
C LEU A 35 10.02 23.53 21.18
N CYS A 36 9.85 22.42 21.90
CA CYS A 36 8.54 21.77 21.93
C CYS A 36 7.51 22.63 22.65
N LEU A 37 7.86 23.14 23.83
CA LEU A 37 6.87 23.80 24.68
C LEU A 37 6.35 25.08 24.05
N LYS A 38 7.22 25.83 23.38
CA LYS A 38 6.82 27.10 22.80
C LYS A 38 6.12 26.92 21.46
N SER A 39 6.56 25.96 20.64
CA SER A 39 5.83 25.67 19.41
C SER A 39 4.46 25.09 19.72
N ARG A 40 4.39 24.17 20.69
CA ARG A 40 3.11 23.62 21.11
C ARG A 40 2.14 24.73 21.47
N GLU A 41 2.65 25.74 22.19
CA GLU A 41 1.86 26.88 22.58
C GLU A 41 1.33 27.64 21.36
N ILE A 42 2.16 27.77 20.31
CA ILE A 42 1.78 28.48 19.08
C ILE A 42 0.81 27.66 18.25
N PHE A 43 1.05 26.35 18.12
CA PHE A 43 0.08 25.49 17.45
C PHE A 43 -1.29 25.59 18.11
N LEU A 44 -1.34 25.44 19.43
CA LEU A 44 -2.62 25.52 20.13
C LEU A 44 -3.28 26.88 19.93
N SER A 45 -2.50 27.94 19.88
CA SER A 45 -3.10 29.27 19.70
C SER A 45 -3.61 29.49 18.29
N GLN A 46 -3.13 28.71 17.29
CA GLN A 46 -3.56 28.90 15.92
C GLN A 46 -4.59 27.83 15.53
N PRO A 47 -5.43 28.10 14.52
CA PRO A 47 -6.51 27.15 14.20
C PRO A 47 -5.98 25.81 13.74
N ILE A 48 -6.74 24.76 14.04
CA ILE A 48 -6.34 23.43 13.65
C ILE A 48 -6.55 23.23 12.15
N LEU A 49 -7.40 24.04 11.54
CA LEU A 49 -7.56 24.10 10.09
C LEU A 49 -7.04 25.48 9.69
N LEU A 50 -5.82 25.50 9.15
CA LEU A 50 -5.16 26.77 8.86
C LEU A 50 -5.79 27.42 7.63
N GLU A 51 -5.99 28.71 7.72
CA GLU A 51 -6.50 29.51 6.61
C GLU A 51 -5.33 30.34 6.11
N LEU A 52 -4.71 29.92 5.02
CA LEU A 52 -3.45 30.51 4.58
C LEU A 52 -3.63 31.34 3.33
N GLU A 53 -2.67 32.23 3.11
CA GLU A 53 -2.68 33.11 1.95
C GLU A 53 -1.39 32.93 1.18
N ALA A 54 -1.52 32.82 -0.15
CA ALA A 54 -0.39 32.75 -1.06
C ALA A 54 0.29 34.11 -1.14
N PRO A 55 1.55 34.16 -1.56
CA PRO A 55 2.38 33.05 -2.01
C PRO A 55 2.95 32.26 -0.84
N LEU A 56 3.22 30.99 -1.12
CA LEU A 56 3.91 30.11 -0.19
C LEU A 56 4.38 28.91 -0.99
N LYS A 57 5.34 28.19 -0.41
CA LYS A 57 5.84 26.94 -0.97
C LYS A 57 5.41 25.81 -0.05
N ILE A 58 4.94 24.72 -0.64
CA ILE A 58 4.36 23.59 0.09
C ILE A 58 5.23 22.38 -0.14
N CYS A 59 5.57 21.69 0.96
CA CYS A 59 6.55 20.61 0.96
C CYS A 59 5.91 19.35 1.50
N GLY A 60 6.27 18.21 0.91
CA GLY A 60 5.79 16.92 1.37
C GLY A 60 6.72 16.32 2.39
N ASP A 61 6.79 14.99 2.44
CA ASP A 61 7.54 14.31 3.48
C ASP A 61 9.01 14.68 3.45
N ILE A 62 9.55 14.94 4.64
CA ILE A 62 10.99 15.10 4.84
C ILE A 62 11.60 13.85 5.46
N HIS A 63 10.97 13.31 6.50
CA HIS A 63 11.37 12.04 7.12
C HIS A 63 12.84 12.06 7.55
N GLY A 64 13.20 13.07 8.33
CA GLY A 64 14.50 13.14 8.96
C GLY A 64 15.70 13.23 8.04
N GLN A 65 15.51 13.57 6.76
CA GLN A 65 16.63 13.71 5.84
C GLN A 65 17.09 15.16 5.86
N TYR A 66 17.90 15.49 6.88
CA TYR A 66 18.07 16.89 7.24
C TYR A 66 18.81 17.67 6.16
N TYR A 67 19.86 17.08 5.59
CA TYR A 67 20.64 17.81 4.60
C TYR A 67 19.85 18.04 3.32
N ASP A 68 18.89 17.17 3.01
CA ASP A 68 17.97 17.43 1.90
C ASP A 68 16.97 18.52 2.24
N LEU A 69 16.58 18.64 3.52
CA LEU A 69 15.76 19.76 3.93
C LEU A 69 16.49 21.08 3.68
N LEU A 70 17.75 21.14 4.09
CA LEU A 70 18.57 22.32 3.81
C LEU A 70 18.71 22.56 2.31
N ARG A 71 18.88 21.48 1.52
CA ARG A 71 18.93 21.66 0.07
C ARG A 71 17.61 22.21 -0.47
N LEU A 72 16.48 21.79 0.10
CA LEU A 72 15.20 22.35 -0.33
C LEU A 72 15.10 23.82 0.02
N PHE A 73 15.50 24.21 1.22
CA PHE A 73 15.60 25.63 1.58
C PHE A 73 16.61 26.38 0.71
N GLU A 74 17.70 25.71 0.31
CA GLU A 74 18.67 26.34 -0.57
C GLU A 74 18.02 26.76 -1.89
N TYR A 75 17.09 25.95 -2.41
CA TYR A 75 16.32 26.22 -3.62
C TYR A 75 15.12 27.12 -3.36
N GLY A 76 14.24 26.71 -2.44
CA GLY A 76 13.06 27.51 -2.18
C GLY A 76 13.36 28.87 -1.58
N GLY A 77 14.45 28.99 -0.82
CA GLY A 77 14.72 30.22 -0.12
C GLY A 77 14.58 30.01 1.37
N PHE A 78 15.63 30.32 2.11
CA PHE A 78 15.58 30.07 3.54
C PHE A 78 14.57 31.01 4.22
N PRO A 79 13.82 30.55 5.25
CA PRO A 79 12.91 31.46 5.96
C PRO A 79 13.69 32.69 6.51
N PRO A 80 13.10 33.94 6.45
CA PRO A 80 11.76 34.09 5.87
C PRO A 80 11.69 34.68 4.42
N GLU A 81 12.63 34.30 3.54
CA GLU A 81 12.55 34.71 2.15
C GLU A 81 11.30 34.15 1.44
N SER A 82 10.86 32.97 1.84
CA SER A 82 9.60 32.43 1.36
C SER A 82 8.77 31.92 2.53
N ASN A 83 7.46 31.94 2.34
CA ASN A 83 6.53 31.33 3.29
C ASN A 83 6.44 29.84 3.02
N TYR A 84 6.28 29.05 4.08
CA TYR A 84 6.29 27.61 3.93
C TYR A 84 5.09 26.97 4.60
N LEU A 85 4.56 25.93 3.96
CA LEU A 85 3.66 24.97 4.58
C LEU A 85 4.22 23.58 4.34
N PHE A 86 4.49 22.86 5.41
CA PHE A 86 4.91 21.46 5.33
C PHE A 86 3.71 20.58 5.65
N LEU A 87 3.62 19.44 4.98
CA LEU A 87 2.46 18.57 5.05
C LEU A 87 2.60 17.46 6.08
N GLY A 88 3.71 17.37 6.79
CA GLY A 88 3.87 16.37 7.82
C GLY A 88 5.00 15.40 7.50
N ASP A 89 5.16 14.44 8.41
CA ASP A 89 6.20 13.43 8.31
C ASP A 89 7.61 14.04 8.30
N TYR A 90 7.96 14.58 9.47
CA TYR A 90 9.26 15.19 9.66
C TYR A 90 10.26 14.23 10.27
N VAL A 91 9.75 13.25 11.01
CA VAL A 91 10.56 12.27 11.70
C VAL A 91 10.37 10.92 11.05
N ASP A 92 11.17 9.95 11.50
CA ASP A 92 11.19 8.56 11.10
C ASP A 92 11.93 8.37 9.78
N ARG A 93 12.60 7.22 9.62
CA ARG A 93 13.15 6.71 8.38
C ARG A 93 14.52 7.31 8.07
N GLY A 94 14.64 8.64 8.15
CA GLY A 94 15.91 9.30 7.95
C GLY A 94 16.84 9.21 9.15
N LYS A 95 18.06 9.67 8.95
CA LYS A 95 19.11 9.55 9.96
C LYS A 95 19.14 10.72 10.93
N GLN A 96 18.45 11.82 10.62
CA GLN A 96 18.52 13.04 11.42
C GLN A 96 17.13 13.66 11.59
N SER A 97 16.23 12.88 12.19
CA SER A 97 14.92 13.39 12.56
C SER A 97 15.02 14.50 13.60
N LEU A 98 16.00 14.40 14.50
CA LEU A 98 16.12 15.38 15.57
C LEU A 98 16.48 16.76 15.03
N GLU A 99 17.49 16.84 14.15
CA GLU A 99 17.84 18.12 13.54
C GLU A 99 16.71 18.65 12.66
N THR A 100 16.00 17.74 11.98
CA THR A 100 14.90 18.17 11.11
C THR A 100 13.80 18.87 11.91
N ILE A 101 13.26 18.20 12.92
CA ILE A 101 12.11 18.75 13.62
C ILE A 101 12.49 19.99 14.43
N CYS A 102 13.73 20.03 14.94
CA CYS A 102 14.15 21.18 15.73
C CYS A 102 14.27 22.44 14.88
N LEU A 103 14.78 22.29 13.66
CA LEU A 103 14.84 23.42 12.74
C LEU A 103 13.46 23.87 12.32
N LEU A 104 12.55 22.92 12.06
CA LEU A 104 11.19 23.28 11.68
C LEU A 104 10.44 23.92 12.84
N LEU A 105 10.60 23.39 14.05
CA LEU A 105 9.95 24.01 15.20
C LEU A 105 10.56 25.37 15.51
N ALA A 106 11.88 25.49 15.40
CA ALA A 106 12.53 26.78 15.61
C ALA A 106 12.03 27.80 14.59
N TYR A 107 11.88 27.37 13.33
CA TYR A 107 11.34 28.25 12.29
C TYR A 107 9.89 28.63 12.59
N LYS A 108 9.15 27.71 13.21
CA LYS A 108 7.77 28.03 13.58
C LYS A 108 7.73 29.10 14.66
N ILE A 109 8.55 28.96 15.70
CA ILE A 109 8.63 29.96 16.75
C ILE A 109 9.11 31.29 16.19
N LYS A 110 10.10 31.26 15.30
CA LYS A 110 10.70 32.49 14.80
C LYS A 110 9.75 33.25 13.88
N TYR A 111 9.11 32.59 12.92
CA TYR A 111 8.15 33.23 12.03
C TYR A 111 6.80 32.55 12.16
N PRO A 112 6.09 32.77 13.27
CA PRO A 112 4.84 32.03 13.51
C PRO A 112 3.75 32.35 12.52
N GLU A 113 3.83 33.47 11.81
CA GLU A 113 2.82 33.84 10.84
C GLU A 113 3.31 33.63 9.41
N ASN A 114 4.48 33.02 9.24
CA ASN A 114 5.01 32.77 7.90
C ASN A 114 5.56 31.36 7.72
N PHE A 115 5.51 30.53 8.76
CA PHE A 115 6.01 29.17 8.73
C PHE A 115 4.97 28.28 9.38
N PHE A 116 4.54 27.22 8.67
CA PHE A 116 3.46 26.39 9.17
C PHE A 116 3.75 24.92 8.94
N LEU A 117 3.36 24.10 9.90
CA LEU A 117 3.61 22.67 9.93
C LEU A 117 2.30 21.94 10.19
N LEU A 118 1.94 21.04 9.30
CA LEU A 118 0.80 20.16 9.51
C LEU A 118 1.24 18.87 10.18
N ARG A 119 0.27 18.13 10.71
CA ARG A 119 0.54 16.84 11.32
C ARG A 119 0.51 15.74 10.27
N GLY A 120 1.56 14.92 10.23
CA GLY A 120 1.57 13.73 9.42
C GLY A 120 1.36 12.48 10.28
N ASN A 121 1.23 11.34 9.61
CA ASN A 121 0.98 10.10 10.35
C ASN A 121 2.19 9.67 11.17
N HIS A 122 3.39 10.19 10.88
CA HIS A 122 4.54 9.86 11.70
C HIS A 122 4.73 10.81 12.88
N GLU A 123 3.98 11.89 12.96
CA GLU A 123 3.92 12.69 14.18
C GLU A 123 2.87 12.08 15.11
N CYS A 124 3.16 10.84 15.49
CA CYS A 124 2.22 9.98 16.19
C CYS A 124 3.02 8.96 16.99
N ALA A 125 2.77 8.90 18.30
CA ALA A 125 3.62 8.13 19.19
C ALA A 125 3.65 6.66 18.79
N SER A 126 2.50 6.10 18.41
CA SER A 126 2.46 4.70 17.99
C SER A 126 3.26 4.45 16.72
N ILE A 127 3.36 5.43 15.84
CA ILE A 127 4.05 5.21 14.57
C ILE A 127 5.55 5.45 14.72
N ASN A 128 5.94 6.61 15.25
CA ASN A 128 7.36 6.92 15.35
C ASN A 128 8.05 6.18 16.49
N ARG A 129 7.29 5.46 17.32
CA ARG A 129 7.91 4.53 18.26
C ARG A 129 8.69 3.44 17.53
N ILE A 130 8.19 2.96 16.41
CA ILE A 130 8.79 1.81 15.73
C ILE A 130 9.59 2.18 14.48
N TYR A 131 9.40 3.38 13.91
CA TYR A 131 9.99 3.74 12.63
C TYR A 131 11.15 4.71 12.75
N GLY A 132 11.73 4.86 13.93
CA GLY A 132 13.03 5.48 14.02
C GLY A 132 13.20 6.57 15.05
N PHE A 133 12.20 7.44 15.19
CA PHE A 133 12.38 8.64 16.00
C PHE A 133 12.54 8.31 17.49
N TYR A 134 11.81 7.31 17.98
CA TYR A 134 11.97 6.91 19.37
C TYR A 134 13.39 6.41 19.63
N ASP A 135 13.89 5.55 18.74
CA ASP A 135 15.25 5.05 18.92
C ASP A 135 16.27 6.18 18.85
N GLU A 136 16.03 7.18 18.02
CA GLU A 136 16.95 8.30 17.88
C GLU A 136 16.96 9.17 19.14
N CYS A 137 15.77 9.50 19.65
CA CYS A 137 15.69 10.22 20.93
C CYS A 137 16.40 9.46 22.03
N LYS A 138 16.36 8.13 21.99
CA LYS A 138 16.81 7.35 23.13
C LYS A 138 18.33 7.29 23.18
N ARG A 139 18.99 7.19 22.02
CA ARG A 139 20.44 7.07 22.01
C ARG A 139 21.15 8.42 22.07
N ARG A 140 20.57 9.46 21.48
CA ARG A 140 21.18 10.79 21.49
C ARG A 140 20.79 11.59 22.71
N TYR A 141 19.59 11.36 23.26
CA TYR A 141 19.15 12.03 24.48
C TYR A 141 18.54 11.01 25.43
N ASN A 142 17.21 11.01 25.53
CA ASN A 142 16.54 10.05 26.41
C ASN A 142 15.07 9.97 26.03
N ILE A 143 14.40 8.98 26.63
CA ILE A 143 12.97 8.74 26.39
C ILE A 143 12.13 9.90 26.88
N LYS A 144 12.56 10.56 27.95
CA LYS A 144 11.81 11.71 28.44
C LYS A 144 11.64 12.76 27.36
N LEU A 145 12.64 12.95 26.51
CA LEU A 145 12.53 13.94 25.43
C LEU A 145 11.54 13.47 24.36
N TRP A 146 11.54 12.18 24.04
CA TRP A 146 10.59 11.65 23.07
C TRP A 146 9.15 11.91 23.51
N LYS A 147 8.86 11.68 24.79
CA LYS A 147 7.52 11.97 25.29
C LYS A 147 7.21 13.45 25.23
N THR A 148 8.21 14.32 25.36
CA THR A 148 7.95 15.74 25.23
C THR A 148 7.59 16.09 23.79
N PHE A 149 8.22 15.44 22.82
CA PHE A 149 7.88 15.63 21.41
C PHE A 149 6.45 15.18 21.11
N THR A 150 6.02 14.05 21.71
CA THR A 150 4.67 13.55 21.51
C THR A 150 3.62 14.55 21.96
N ASP A 151 3.88 15.24 23.08
CA ASP A 151 2.93 16.24 23.54
C ASP A 151 2.89 17.43 22.61
N CYS A 152 4.01 17.71 21.92
CA CYS A 152 4.04 18.77 20.92
C CYS A 152 3.30 18.34 19.65
N PHE A 153 3.60 17.14 19.13
CA PHE A 153 2.95 16.63 17.93
C PHE A 153 1.44 16.51 18.12
N ASN A 154 0.98 16.19 19.33
CA ASN A 154 -0.45 16.08 19.57
C ASN A 154 -1.19 17.40 19.36
N CYS A 155 -0.47 18.51 19.27
CA CYS A 155 -1.05 19.83 19.10
C CYS A 155 -0.91 20.38 17.71
N LEU A 156 -0.32 19.62 16.80
CA LEU A 156 -0.13 20.10 15.44
C LEU A 156 -1.48 20.26 14.75
N PRO A 157 -1.62 21.23 13.86
CA PRO A 157 -2.80 21.27 12.98
C PRO A 157 -2.76 20.14 11.97
N ILE A 158 -3.93 19.85 11.42
CA ILE A 158 -4.09 18.69 10.56
C ILE A 158 -4.44 19.05 9.13
N ALA A 159 -4.91 20.25 8.87
CA ALA A 159 -5.24 20.64 7.51
C ALA A 159 -5.06 22.15 7.34
N ALA A 160 -5.00 22.57 6.08
CA ALA A 160 -4.88 23.98 5.72
C ALA A 160 -5.62 24.20 4.41
N ILE A 161 -6.25 25.36 4.28
CA ILE A 161 -6.82 25.80 3.02
C ILE A 161 -6.15 27.11 2.63
N VAL A 162 -5.63 27.17 1.41
CA VAL A 162 -4.92 28.33 0.89
C VAL A 162 -5.86 29.05 -0.06
N ASP A 163 -6.11 30.34 0.22
CA ASP A 163 -6.91 31.19 -0.67
C ASP A 163 -8.28 30.60 -0.98
N GLU A 164 -8.75 29.72 -0.10
CA GLU A 164 -10.07 29.08 -0.20
C GLU A 164 -10.17 28.19 -1.45
N LYS A 165 -9.02 27.74 -1.95
CA LYS A 165 -8.96 27.02 -3.23
C LYS A 165 -8.09 25.78 -3.22
N ILE A 166 -7.14 25.64 -2.30
CA ILE A 166 -6.23 24.50 -2.25
C ILE A 166 -6.40 23.87 -0.87
N PHE A 167 -6.86 22.62 -0.84
CA PHE A 167 -7.06 21.89 0.42
C PHE A 167 -5.84 21.02 0.68
N CYS A 168 -5.21 21.21 1.85
CA CYS A 168 -3.92 20.61 2.15
C CYS A 168 -4.01 19.74 3.39
N CYS A 169 -3.56 18.51 3.27
CA CYS A 169 -3.44 17.64 4.43
C CYS A 169 -2.41 16.58 4.07
N HIS A 170 -2.03 15.79 5.06
CA HIS A 170 -0.97 14.83 4.81
C HIS A 170 -1.47 13.64 3.99
N GLY A 171 -2.50 12.96 4.47
CA GLY A 171 -2.99 11.77 3.80
C GLY A 171 -4.02 12.05 2.73
N GLY A 172 -5.30 12.15 3.11
CA GLY A 172 -6.27 12.44 2.08
C GLY A 172 -7.66 12.66 2.60
N LEU A 173 -8.65 12.46 1.75
CA LEU A 173 -10.03 12.68 2.13
C LEU A 173 -10.53 11.61 3.10
N SER A 174 -11.74 11.84 3.61
CA SER A 174 -12.42 10.94 4.54
C SER A 174 -13.89 10.89 4.18
N PRO A 175 -14.51 9.71 4.23
CA PRO A 175 -15.96 9.65 4.03
C PRO A 175 -16.74 10.43 5.07
N ASP A 176 -16.11 10.73 6.19
CA ASP A 176 -16.77 11.48 7.25
C ASP A 176 -16.73 12.98 7.01
N LEU A 177 -15.83 13.45 6.15
CA LEU A 177 -15.65 14.89 5.97
C LEU A 177 -16.76 15.42 5.10
N GLN A 178 -17.78 15.99 5.74
CA GLN A 178 -18.87 16.62 5.02
C GLN A 178 -18.84 18.12 5.11
N SER A 179 -18.34 18.65 6.21
CA SER A 179 -18.29 20.07 6.47
C SER A 179 -16.91 20.41 7.02
N MET A 180 -16.31 21.48 6.50
CA MET A 180 -15.06 21.97 7.08
C MET A 180 -15.18 22.25 8.57
N GLU A 181 -16.39 22.53 9.08
CA GLU A 181 -16.59 22.72 10.51
C GLU A 181 -16.14 21.50 11.32
N GLN A 182 -16.23 20.31 10.73
CA GLN A 182 -15.90 19.10 11.48
C GLN A 182 -14.43 19.08 11.88
N ILE A 183 -13.56 19.60 11.01
CA ILE A 183 -12.14 19.64 11.33
C ILE A 183 -11.89 20.62 12.46
N ARG A 184 -12.59 21.76 12.46
CA ARG A 184 -12.41 22.77 13.49
C ARG A 184 -12.83 22.27 14.87
N ARG A 185 -13.83 21.39 14.94
CA ARG A 185 -14.33 20.95 16.23
C ARG A 185 -13.36 20.01 16.93
N ILE A 186 -12.37 19.48 16.21
CA ILE A 186 -11.44 18.54 16.80
C ILE A 186 -10.60 19.26 17.86
N MET A 187 -10.57 18.69 19.06
CA MET A 187 -9.89 19.29 20.20
C MET A 187 -8.45 18.81 20.29
N ARG A 188 -7.58 19.70 20.72
CA ARG A 188 -6.17 19.38 20.92
C ARG A 188 -5.77 19.66 22.36
N PRO A 189 -4.78 18.94 22.90
CA PRO A 189 -4.00 17.84 22.31
C PRO A 189 -4.81 16.57 22.11
N THR A 190 -4.49 15.82 21.04
CA THR A 190 -5.19 14.59 20.75
C THR A 190 -4.20 13.62 20.12
N ASP A 191 -4.39 12.33 20.39
CA ASP A 191 -3.70 11.28 19.68
C ASP A 191 -4.44 11.00 18.37
N VAL A 192 -3.82 10.18 17.53
CA VAL A 192 -4.42 9.79 16.24
C VAL A 192 -5.18 8.49 16.48
N PRO A 193 -6.52 8.50 16.41
CA PRO A 193 -7.26 7.25 16.56
C PRO A 193 -7.00 6.29 15.40
N ASP A 194 -7.39 5.04 15.61
N ASP A 194 -7.39 5.03 15.61
CA ASP A 194 -7.22 4.00 14.60
CA ASP A 194 -7.21 4.00 14.60
C ASP A 194 -8.21 4.12 13.47
C ASP A 194 -8.21 4.14 13.46
N GLN A 195 -9.26 4.92 13.64
CA GLN A 195 -10.24 5.16 12.58
C GLN A 195 -10.75 6.57 12.76
N GLY A 196 -11.46 7.05 11.74
CA GLY A 196 -12.24 8.26 11.84
C GLY A 196 -11.67 9.41 11.04
N LEU A 197 -12.31 10.57 11.23
CA LEU A 197 -11.99 11.75 10.43
C LEU A 197 -10.50 12.08 10.46
N LEU A 198 -9.97 12.26 11.67
CA LEU A 198 -8.59 12.68 11.85
C LEU A 198 -7.63 11.62 11.37
N CYS A 199 -7.98 10.35 11.56
CA CYS A 199 -7.18 9.26 11.03
C CYS A 199 -7.06 9.36 9.52
N ASP A 200 -8.19 9.51 8.85
CA ASP A 200 -8.18 9.52 7.39
C ASP A 200 -7.37 10.67 6.83
N LEU A 201 -7.48 11.85 7.45
CA LEU A 201 -6.77 13.02 6.94
C LEU A 201 -5.25 12.83 6.98
N LEU A 202 -4.77 11.97 7.87
CA LEU A 202 -3.35 11.66 7.96
C LEU A 202 -2.96 10.37 7.24
N TRP A 203 -3.93 9.56 6.81
CA TRP A 203 -3.63 8.20 6.41
C TRP A 203 -4.17 7.73 5.06
N SER A 204 -5.21 8.37 4.53
CA SER A 204 -5.86 7.83 3.34
C SER A 204 -5.08 8.16 2.06
N ASP A 205 -5.35 7.40 1.00
CA ASP A 205 -4.64 7.47 -0.26
C ASP A 205 -5.62 7.50 -1.41
N PRO A 206 -5.31 8.22 -2.49
CA PRO A 206 -6.10 8.08 -3.71
C PRO A 206 -5.74 6.78 -4.42
N ASP A 207 -6.67 6.35 -5.27
CA ASP A 207 -6.51 5.09 -5.99
C ASP A 207 -7.36 5.17 -7.25
N LYS A 208 -6.72 5.10 -8.41
CA LYS A 208 -7.46 5.20 -9.67
C LYS A 208 -8.37 3.99 -9.92
N ASP A 209 -8.13 2.87 -9.26
CA ASP A 209 -8.92 1.67 -9.47
C ASP A 209 -10.12 1.53 -8.54
N VAL A 210 -10.35 2.49 -7.64
CA VAL A 210 -11.50 2.46 -6.73
C VAL A 210 -12.54 3.43 -7.25
N LEU A 211 -13.83 3.08 -7.11
CA LEU A 211 -14.86 3.97 -7.63
C LEU A 211 -15.20 5.08 -6.62
N GLY A 212 -15.42 4.69 -5.37
CA GLY A 212 -15.77 5.61 -4.29
C GLY A 212 -14.78 5.54 -3.14
N TRP A 213 -15.18 4.86 -2.06
CA TRP A 213 -14.31 4.58 -0.91
C TRP A 213 -13.99 3.09 -0.90
N GLY A 214 -12.73 2.75 -0.63
CA GLY A 214 -12.29 1.38 -0.70
C GLY A 214 -11.31 1.03 0.39
N GLU A 215 -11.06 -0.28 0.53
CA GLU A 215 -10.03 -0.79 1.41
C GLU A 215 -8.69 -0.11 1.15
N ASN A 216 -7.95 0.13 2.23
CA ASN A 216 -6.57 0.58 2.17
C ASN A 216 -5.69 -0.50 2.78
N ASP A 217 -4.77 -1.08 2.00
CA ASP A 217 -4.00 -2.24 2.49
C ASP A 217 -2.88 -1.83 3.45
N ARG A 218 -2.75 -0.53 3.79
CA ARG A 218 -1.97 -0.10 4.95
C ARG A 218 -2.56 -0.61 6.26
N GLY A 219 -3.75 -1.21 6.20
CA GLY A 219 -4.46 -1.68 7.34
C GLY A 219 -5.16 -0.59 8.11
N VAL A 220 -5.13 0.64 7.61
CA VAL A 220 -5.72 1.80 8.27
C VAL A 220 -6.40 2.61 7.19
N SER A 221 -7.53 3.23 7.54
CA SER A 221 -8.18 4.26 6.72
C SER A 221 -8.76 3.70 5.42
N PHE A 222 -8.80 4.53 4.38
CA PHE A 222 -9.41 4.19 3.10
C PHE A 222 -8.49 4.54 1.94
N THR A 223 -8.89 4.09 0.76
CA THR A 223 -8.54 4.71 -0.51
C THR A 223 -9.77 5.41 -1.05
N PHE A 224 -9.56 6.39 -1.93
CA PHE A 224 -10.66 7.11 -2.55
C PHE A 224 -10.37 7.36 -4.03
N GLY A 225 -11.45 7.42 -4.82
CA GLY A 225 -11.37 7.51 -6.27
C GLY A 225 -11.45 8.92 -6.79
N ALA A 226 -11.32 9.03 -8.13
CA ALA A 226 -11.30 10.34 -8.77
C ALA A 226 -12.65 11.05 -8.61
N GLU A 227 -13.74 10.28 -8.60
CA GLU A 227 -15.06 10.87 -8.44
C GLU A 227 -15.24 11.50 -7.06
N VAL A 228 -14.71 10.84 -6.02
CA VAL A 228 -14.76 11.40 -4.68
C VAL A 228 -14.02 12.73 -4.63
N VAL A 229 -12.85 12.79 -5.26
CA VAL A 229 -12.10 14.04 -5.36
C VAL A 229 -12.94 15.14 -6.02
N ALA A 230 -13.49 14.83 -7.20
CA ALA A 230 -14.25 15.82 -7.96
C ALA A 230 -15.51 16.29 -7.21
N LYS A 231 -16.24 15.36 -6.60
CA LYS A 231 -17.42 15.72 -5.82
C LYS A 231 -17.02 16.61 -4.64
N PHE A 232 -15.90 16.30 -4.01
CA PHE A 232 -15.42 17.10 -2.88
C PHE A 232 -15.07 18.52 -3.31
N LEU A 233 -14.34 18.67 -4.42
CA LEU A 233 -13.94 20.01 -4.84
C LEU A 233 -15.13 20.84 -5.28
N HIS A 234 -16.11 20.23 -5.93
CA HIS A 234 -17.29 20.99 -6.33
C HIS A 234 -18.13 21.39 -5.13
N LYS A 235 -18.23 20.50 -4.14
CA LYS A 235 -19.07 20.78 -2.98
C LYS A 235 -18.53 21.94 -2.15
N HIS A 236 -17.20 22.05 -2.04
CA HIS A 236 -16.58 23.06 -1.20
C HIS A 236 -16.00 24.22 -2.01
N ASP A 237 -16.15 24.17 -3.34
CA ASP A 237 -15.68 25.23 -4.25
C ASP A 237 -14.17 25.36 -4.22
N LEU A 238 -13.47 24.23 -4.16
CA LEU A 238 -12.03 24.19 -4.19
C LEU A 238 -11.55 23.79 -5.58
N ASP A 239 -10.26 24.02 -5.85
CA ASP A 239 -9.68 23.69 -7.13
C ASP A 239 -8.65 22.57 -7.07
N LEU A 240 -8.08 22.29 -5.91
CA LEU A 240 -6.97 21.33 -5.86
C LEU A 240 -6.82 20.77 -4.46
N ILE A 241 -6.60 19.45 -4.39
CA ILE A 241 -6.18 18.77 -3.17
C ILE A 241 -4.66 18.59 -3.24
N CYS A 242 -3.97 18.95 -2.16
CA CYS A 242 -2.51 18.81 -2.05
C CYS A 242 -2.19 17.96 -0.82
N ARG A 243 -1.56 16.83 -1.06
CA ARG A 243 -1.33 15.86 -0.02
C ARG A 243 0.08 15.33 -0.20
N ALA A 244 0.51 14.50 0.74
CA ALA A 244 1.84 13.89 0.66
C ALA A 244 1.67 12.37 0.82
N HIS A 245 2.36 11.76 1.80
CA HIS A 245 2.04 10.43 2.32
C HIS A 245 2.50 9.28 1.41
N GLN A 246 2.90 9.53 0.16
CA GLN A 246 3.35 8.45 -0.71
C GLN A 246 4.55 8.87 -1.55
N VAL A 247 5.45 7.91 -1.77
CA VAL A 247 6.65 8.16 -2.57
C VAL A 247 6.26 8.28 -4.03
N VAL A 248 6.66 9.38 -4.66
CA VAL A 248 6.40 9.65 -6.06
C VAL A 248 7.72 9.93 -6.76
N GLU A 249 7.93 9.26 -7.90
CA GLU A 249 9.25 9.23 -8.56
C GLU A 249 9.74 10.61 -8.94
N ASP A 250 8.84 11.47 -9.43
CA ASP A 250 9.18 12.80 -9.91
C ASP A 250 9.06 13.86 -8.81
N GLY A 251 8.90 13.44 -7.56
CA GLY A 251 8.68 14.33 -6.43
C GLY A 251 7.27 14.87 -6.32
N TYR A 252 6.55 14.94 -7.44
CA TYR A 252 5.13 15.27 -7.44
C TYR A 252 4.44 14.39 -8.47
N GLU A 253 3.17 14.13 -8.22
CA GLU A 253 2.38 13.33 -9.14
C GLU A 253 0.92 13.74 -9.07
N PHE A 254 0.29 13.93 -10.24
CA PHE A 254 -1.10 14.33 -10.31
C PHE A 254 -2.01 13.12 -10.20
N PHE A 255 -3.27 13.40 -9.88
CA PHE A 255 -4.32 12.39 -9.81
C PHE A 255 -5.64 13.04 -10.23
N ALA A 256 -6.43 12.33 -11.02
CA ALA A 256 -7.78 12.78 -11.39
C ALA A 256 -7.75 14.13 -12.10
N LYS A 257 -7.15 14.12 -13.30
CA LYS A 257 -7.09 15.28 -14.19
C LYS A 257 -6.58 16.53 -13.49
N ARG A 258 -5.50 16.36 -12.74
CA ARG A 258 -4.83 17.43 -11.99
C ARG A 258 -5.71 18.03 -10.89
N GLN A 259 -6.77 17.34 -10.46
CA GLN A 259 -7.55 17.83 -9.33
C GLN A 259 -6.89 17.52 -7.98
N LEU A 260 -5.93 16.59 -7.95
CA LEU A 260 -5.18 16.30 -6.74
C LEU A 260 -3.72 16.12 -7.13
N VAL A 261 -2.82 16.52 -6.22
CA VAL A 261 -1.39 16.34 -6.40
C VAL A 261 -0.77 15.79 -5.12
N THR A 262 0.15 14.84 -5.28
CA THR A 262 0.92 14.24 -4.21
C THR A 262 2.32 14.82 -4.23
N LEU A 263 2.78 15.33 -3.10
CA LEU A 263 4.13 15.87 -2.95
C LEU A 263 4.96 14.97 -2.05
N PHE A 264 6.20 14.73 -2.44
CA PHE A 264 7.12 13.99 -1.60
C PHE A 264 8.49 14.66 -1.76
N SER A 265 9.05 15.11 -0.64
CA SER A 265 10.14 16.07 -0.68
C SER A 265 11.45 15.50 -0.18
N ALA A 266 11.52 14.19 0.03
CA ALA A 266 12.76 13.56 0.47
C ALA A 266 13.36 12.79 -0.70
N PRO A 267 14.39 13.32 -1.37
CA PRO A 267 14.95 12.60 -2.52
C PRO A 267 15.63 11.31 -2.08
N ASN A 268 15.71 10.36 -3.01
CA ASN A 268 16.40 9.08 -2.78
C ASN A 268 15.99 8.51 -1.42
N TYR A 269 14.69 8.38 -1.24
CA TYR A 269 14.08 8.08 0.05
C TYR A 269 14.67 6.81 0.66
N CYS A 270 15.18 6.95 1.90
CA CYS A 270 15.83 5.88 2.66
C CYS A 270 17.02 5.22 1.99
N GLY A 271 17.58 5.82 0.94
CA GLY A 271 18.48 5.08 0.09
C GLY A 271 17.86 3.86 -0.56
N GLU A 272 16.53 3.76 -0.59
CA GLU A 272 15.86 2.60 -1.16
C GLU A 272 15.09 2.89 -2.44
N PHE A 273 14.81 4.16 -2.76
CA PHE A 273 13.94 4.49 -3.88
C PHE A 273 14.66 5.39 -4.87
N ASP A 274 14.07 5.50 -6.05
CA ASP A 274 14.61 6.32 -7.11
C ASP A 274 13.68 7.52 -7.32
N ASN A 275 13.65 8.44 -6.36
CA ASN A 275 12.72 9.57 -6.47
C ASN A 275 13.42 10.91 -6.34
N ALA A 276 12.90 11.91 -7.04
CA ALA A 276 13.26 13.28 -6.74
C ALA A 276 12.35 13.80 -5.64
N GLY A 277 12.71 14.95 -5.09
CA GLY A 277 11.89 15.63 -4.11
C GLY A 277 11.32 16.89 -4.75
N ALA A 278 10.13 17.29 -4.32
CA ALA A 278 9.47 18.42 -4.95
C ALA A 278 8.77 19.29 -3.93
N MET A 279 8.75 20.58 -4.22
CA MET A 279 7.89 21.55 -3.55
C MET A 279 6.89 22.10 -4.56
N MET A 280 5.73 22.51 -4.06
CA MET A 280 4.77 23.24 -4.88
C MET A 280 4.81 24.70 -4.47
N SER A 281 5.31 25.54 -5.37
CA SER A 281 5.35 26.97 -5.14
C SER A 281 4.07 27.58 -5.72
N VAL A 282 3.37 28.34 -4.89
CA VAL A 282 2.06 28.91 -5.22
C VAL A 282 2.20 30.42 -5.18
N ASP A 283 2.04 31.10 -6.32
CA ASP A 283 2.15 32.56 -6.30
C ASP A 283 0.82 33.20 -5.91
N GLU A 284 0.84 34.52 -5.70
CA GLU A 284 -0.35 35.23 -5.24
C GLU A 284 -1.50 35.13 -6.22
N THR A 285 -1.26 34.66 -7.44
CA THR A 285 -2.33 34.40 -8.40
C THR A 285 -2.79 32.95 -8.39
N LEU A 286 -2.30 32.15 -7.43
CA LEU A 286 -2.53 30.72 -7.30
C LEU A 286 -2.01 29.91 -8.48
N MET A 287 -1.13 30.46 -9.30
CA MET A 287 -0.43 29.65 -10.29
C MET A 287 0.61 28.79 -9.59
N CYS A 288 0.45 27.48 -9.68
CA CYS A 288 1.26 26.53 -8.93
C CYS A 288 2.33 25.95 -9.84
N SER A 289 3.57 26.01 -9.37
CA SER A 289 4.70 25.41 -10.06
C SER A 289 5.39 24.44 -9.11
N PHE A 290 6.03 23.44 -9.68
CA PHE A 290 6.72 22.42 -8.91
C PHE A 290 8.21 22.62 -9.05
N GLN A 291 8.86 22.99 -7.96
CA GLN A 291 10.31 23.08 -7.88
C GLN A 291 10.85 21.73 -7.42
N ILE A 292 11.70 21.12 -8.25
CA ILE A 292 12.17 19.74 -8.07
C ILE A 292 13.58 19.78 -7.49
N LEU A 293 13.84 18.89 -6.53
CA LEU A 293 15.19 18.71 -5.98
C LEU A 293 15.68 17.33 -6.43
N LYS A 294 16.55 17.32 -7.44
CA LYS A 294 16.84 16.10 -8.15
C LYS A 294 18.27 15.67 -7.87
N PRO A 295 18.50 14.43 -7.50
CA PRO A 295 19.87 13.97 -7.29
C PRO A 295 20.53 13.57 -8.61
N ALA A 296 21.85 13.77 -8.65
CA ALA A 296 22.65 13.34 -9.81
C ALA A 296 22.58 11.82 -10.03
N LEU B 4 -18.61 -39.45 5.06
CA LEU B 4 -18.35 -38.21 4.32
C LEU B 4 -18.56 -38.40 2.81
N ASN B 5 -19.55 -37.73 2.24
CA ASN B 5 -19.87 -37.87 0.81
C ASN B 5 -19.36 -36.63 0.08
N ILE B 6 -18.20 -36.78 -0.59
CA ILE B 6 -17.64 -35.65 -1.33
C ILE B 6 -18.50 -35.31 -2.53
N ASP B 7 -18.89 -36.34 -3.29
CA ASP B 7 -19.70 -36.09 -4.48
C ASP B 7 -20.98 -35.35 -4.14
N SER B 8 -21.58 -35.64 -2.99
CA SER B 8 -22.82 -34.98 -2.59
C SER B 8 -22.57 -33.56 -2.10
N ILE B 9 -21.52 -33.38 -1.29
CA ILE B 9 -21.13 -32.04 -0.87
C ILE B 9 -20.86 -31.16 -2.09
N ILE B 10 -20.13 -31.69 -3.07
CA ILE B 10 -19.84 -30.94 -4.30
C ILE B 10 -21.13 -30.56 -5.01
N GLN B 11 -22.05 -31.52 -5.15
CA GLN B 11 -23.27 -31.27 -5.90
C GLN B 11 -24.10 -30.17 -5.25
N ARG B 12 -24.15 -30.17 -3.91
CA ARG B 12 -24.92 -29.16 -3.19
C ARG B 12 -24.29 -27.77 -3.36
N LEU B 13 -22.96 -27.71 -3.43
CA LEU B 13 -22.30 -26.41 -3.55
C LEU B 13 -22.50 -25.81 -4.93
N LEU B 14 -22.38 -26.64 -5.97
CA LEU B 14 -22.58 -26.21 -7.34
C LEU B 14 -24.05 -26.07 -7.70
N GLU B 15 -24.98 -26.42 -6.80
CA GLU B 15 -26.39 -26.21 -7.11
C GLU B 15 -26.65 -24.76 -7.54
N VAL B 16 -26.02 -23.81 -6.86
CA VAL B 16 -26.35 -22.40 -7.00
C VAL B 16 -25.80 -21.79 -8.29
N ARG B 17 -25.20 -22.60 -9.15
CA ARG B 17 -24.73 -22.11 -10.44
C ARG B 17 -25.86 -21.50 -11.27
N GLY B 18 -27.07 -22.05 -11.15
CA GLY B 18 -28.24 -21.49 -11.79
C GLY B 18 -29.05 -20.56 -10.92
N SER B 19 -28.55 -20.19 -9.74
CA SER B 19 -29.30 -19.38 -8.80
C SER B 19 -28.88 -17.92 -8.91
N LYS B 20 -29.73 -17.06 -8.38
CA LYS B 20 -29.41 -15.65 -8.26
C LYS B 20 -28.25 -15.48 -7.27
N PRO B 21 -27.35 -14.52 -7.51
CA PRO B 21 -26.20 -14.35 -6.60
C PRO B 21 -26.63 -13.89 -5.21
N GLY B 22 -25.95 -14.41 -4.20
CA GLY B 22 -26.28 -14.16 -2.82
C GLY B 22 -26.88 -15.34 -2.10
N LYS B 23 -27.45 -16.29 -2.84
CA LYS B 23 -28.03 -17.49 -2.22
C LYS B 23 -26.96 -18.32 -1.52
N ASN B 24 -27.33 -18.90 -0.39
CA ASN B 24 -26.36 -19.65 0.41
C ASN B 24 -26.41 -21.13 0.06
N VAL B 25 -25.42 -21.86 0.57
CA VAL B 25 -25.40 -23.32 0.59
C VAL B 25 -24.95 -23.73 1.99
N GLN B 26 -25.83 -24.39 2.73
CA GLN B 26 -25.57 -24.73 4.13
C GLN B 26 -25.16 -26.19 4.23
N LEU B 27 -23.86 -26.43 4.23
CA LEU B 27 -23.35 -27.74 4.59
C LEU B 27 -23.53 -27.92 6.08
N GLN B 28 -23.56 -29.16 6.52
CA GLN B 28 -23.66 -29.45 7.94
C GLN B 28 -22.28 -29.32 8.59
N GLU B 29 -22.28 -28.90 9.85
CA GLU B 29 -21.02 -28.66 10.54
C GLU B 29 -20.11 -29.89 10.46
N ASN B 30 -20.69 -31.09 10.57
CA ASN B 30 -19.89 -32.30 10.45
C ASN B 30 -19.32 -32.46 9.05
N GLU B 31 -19.99 -31.92 8.04
CA GLU B 31 -19.45 -32.02 6.68
C GLU B 31 -18.30 -31.04 6.47
N ILE B 32 -18.47 -29.80 6.92
CA ILE B 32 -17.39 -28.81 6.87
C ILE B 32 -16.21 -29.28 7.72
N ARG B 33 -16.46 -29.68 8.97
CA ARG B 33 -15.40 -30.21 9.82
C ARG B 33 -14.74 -31.42 9.18
N GLY B 34 -15.52 -32.23 8.46
CA GLY B 34 -14.95 -33.38 7.78
C GLY B 34 -14.04 -32.99 6.64
N LEU B 35 -14.48 -32.02 5.81
CA LEU B 35 -13.62 -31.49 4.75
C LEU B 35 -12.30 -30.99 5.30
N CYS B 36 -12.34 -30.29 6.44
CA CYS B 36 -11.11 -29.72 6.98
C CYS B 36 -10.12 -30.80 7.39
N LEU B 37 -10.61 -31.93 7.90
CA LEU B 37 -9.71 -32.99 8.35
C LEU B 37 -9.05 -33.69 7.18
N LYS B 38 -9.84 -34.09 6.17
CA LYS B 38 -9.29 -34.87 5.08
C LYS B 38 -8.42 -34.01 4.17
N SER B 39 -8.81 -32.75 3.93
CA SER B 39 -7.93 -31.87 3.16
C SER B 39 -6.62 -31.62 3.89
N ARG B 40 -6.70 -31.42 5.22
CA ARG B 40 -5.50 -31.19 6.01
C ARG B 40 -4.51 -32.33 5.84
N GLU B 41 -4.98 -33.59 5.90
CA GLU B 41 -4.04 -34.69 5.76
C GLU B 41 -3.46 -34.76 4.34
N ILE B 42 -4.26 -34.36 3.35
CA ILE B 42 -3.76 -34.32 1.98
C ILE B 42 -2.72 -33.23 1.82
N PHE B 43 -2.88 -32.09 2.51
CA PHE B 43 -1.89 -31.04 2.42
C PHE B 43 -0.55 -31.49 2.99
N LEU B 44 -0.57 -32.23 4.08
CA LEU B 44 0.66 -32.65 4.72
C LEU B 44 1.34 -33.79 3.97
N SER B 45 0.56 -34.68 3.34
CA SER B 45 1.19 -35.75 2.58
C SER B 45 1.90 -35.23 1.35
N GLN B 46 1.50 -34.08 0.86
CA GLN B 46 2.09 -33.46 -0.31
C GLN B 46 3.09 -32.39 0.09
N PRO B 47 4.11 -32.13 -0.72
CA PRO B 47 5.18 -31.23 -0.28
C PRO B 47 4.67 -29.83 0.01
N ILE B 48 5.46 -29.10 0.82
CA ILE B 48 5.19 -27.69 1.06
C ILE B 48 5.63 -26.82 -0.11
N LEU B 49 6.62 -27.26 -0.89
CA LEU B 49 7.02 -26.59 -2.14
C LEU B 49 6.56 -27.49 -3.27
N LEU B 50 5.35 -27.24 -3.77
CA LEU B 50 4.77 -28.12 -4.78
C LEU B 50 5.55 -28.04 -6.09
N GLU B 51 5.72 -29.20 -6.71
CA GLU B 51 6.40 -29.31 -8.00
C GLU B 51 5.37 -29.81 -8.99
N LEU B 52 4.88 -28.93 -9.86
CA LEU B 52 3.73 -29.21 -10.70
C LEU B 52 4.13 -29.24 -12.17
N GLU B 53 3.29 -29.87 -12.98
CA GLU B 53 3.51 -29.94 -14.41
C GLU B 53 2.32 -29.34 -15.15
N ALA B 54 2.60 -28.61 -16.22
CA ALA B 54 1.57 -28.10 -17.11
C ALA B 54 0.95 -29.27 -17.88
N PRO B 55 -0.27 -29.09 -18.43
CA PRO B 55 -1.13 -27.92 -18.42
C PRO B 55 -1.84 -27.69 -17.11
N LEU B 56 -2.05 -26.42 -16.78
CA LEU B 56 -2.77 -26.08 -15.58
C LEU B 56 -3.27 -24.64 -15.72
N LYS B 57 -4.20 -24.28 -14.85
CA LYS B 57 -4.66 -22.91 -14.73
C LYS B 57 -4.35 -22.42 -13.31
N ILE B 58 -3.97 -21.15 -13.20
CA ILE B 58 -3.53 -20.56 -11.95
C ILE B 58 -4.40 -19.35 -11.68
N CYS B 59 -5.06 -19.34 -10.52
CA CYS B 59 -5.98 -18.29 -10.12
C CYS B 59 -5.40 -17.53 -8.93
N GLY B 60 -5.80 -16.28 -8.79
CA GLY B 60 -5.39 -15.48 -7.65
C GLY B 60 -6.44 -15.37 -6.56
N ASP B 61 -6.53 -14.20 -5.94
CA ASP B 61 -7.44 -13.98 -4.81
C ASP B 61 -8.89 -14.20 -5.22
N ILE B 62 -9.63 -14.97 -4.42
CA ILE B 62 -11.07 -15.11 -4.56
C ILE B 62 -11.82 -14.33 -3.48
N HIS B 63 -11.35 -14.40 -2.25
CA HIS B 63 -11.83 -13.54 -1.17
C HIS B 63 -13.33 -13.69 -0.97
N GLY B 64 -13.78 -14.95 -0.93
CA GLY B 64 -15.15 -15.25 -0.61
C GLY B 64 -16.18 -14.77 -1.61
N GLN B 65 -15.76 -14.38 -2.82
CA GLN B 65 -16.72 -14.03 -3.88
C GLN B 65 -17.09 -15.32 -4.60
N TYR B 66 -18.00 -16.07 -3.95
CA TYR B 66 -18.25 -17.46 -4.33
C TYR B 66 -18.85 -17.55 -5.72
N TYR B 67 -19.74 -16.63 -6.07
CA TYR B 67 -20.35 -16.70 -7.39
C TYR B 67 -19.36 -16.31 -8.48
N ASP B 68 -18.34 -15.51 -8.15
CA ASP B 68 -17.29 -15.23 -9.11
C ASP B 68 -16.33 -16.41 -9.25
N LEU B 69 -16.20 -17.22 -8.20
CA LEU B 69 -15.45 -18.46 -8.30
C LEU B 69 -16.20 -19.47 -9.17
N LEU B 70 -17.52 -19.50 -9.05
CA LEU B 70 -18.33 -20.31 -9.96
C LEU B 70 -18.20 -19.82 -11.39
N ARG B 71 -18.16 -18.50 -11.58
CA ARG B 71 -17.96 -17.94 -12.91
C ARG B 71 -16.58 -18.24 -13.45
N LEU B 72 -15.56 -18.31 -12.58
CA LEU B 72 -14.23 -18.65 -13.05
C LEU B 72 -14.17 -20.09 -13.55
N PHE B 73 -14.79 -21.03 -12.83
CA PHE B 73 -14.87 -22.41 -13.28
C PHE B 73 -15.72 -22.53 -14.53
N GLU B 74 -16.75 -21.68 -14.67
CA GLU B 74 -17.59 -21.73 -15.86
C GLU B 74 -16.77 -21.40 -17.11
N TYR B 75 -15.85 -20.44 -17.01
CA TYR B 75 -14.99 -20.06 -18.12
C TYR B 75 -13.81 -21.02 -18.29
N GLY B 76 -13.05 -21.22 -17.21
CA GLY B 76 -11.85 -22.03 -17.32
C GLY B 76 -12.13 -23.51 -17.40
N GLY B 77 -13.26 -23.96 -16.85
CA GLY B 77 -13.63 -25.37 -16.89
C GLY B 77 -13.70 -25.95 -15.49
N PHE B 78 -14.75 -26.66 -15.22
CA PHE B 78 -14.87 -27.25 -13.90
C PHE B 78 -13.95 -28.46 -13.77
N PRO B 79 -13.28 -28.61 -12.63
CA PRO B 79 -12.47 -29.80 -12.36
C PRO B 79 -13.31 -31.05 -12.58
N PRO B 80 -12.71 -32.10 -13.15
CA PRO B 80 -11.29 -32.18 -13.48
C PRO B 80 -10.97 -31.85 -14.93
N GLU B 81 -11.85 -31.10 -15.62
CA GLU B 81 -11.60 -30.77 -17.02
C GLU B 81 -10.29 -30.01 -17.18
N SER B 82 -9.93 -29.21 -16.18
CA SER B 82 -8.67 -28.48 -16.16
C SER B 82 -8.03 -28.63 -14.79
N ASN B 83 -6.71 -28.73 -14.77
CA ASN B 83 -5.97 -28.70 -13.53
C ASN B 83 -5.86 -27.27 -13.03
N TYR B 84 -5.86 -27.11 -11.71
CA TYR B 84 -5.89 -25.79 -11.12
C TYR B 84 -4.84 -25.67 -10.03
N LEU B 85 -4.29 -24.45 -9.92
CA LEU B 85 -3.49 -24.03 -8.79
C LEU B 85 -3.99 -22.67 -8.35
N PHE B 86 -4.44 -22.56 -7.11
CA PHE B 86 -4.88 -21.30 -6.55
C PHE B 86 -3.81 -20.73 -5.63
N LEU B 87 -3.67 -19.41 -5.64
CA LEU B 87 -2.56 -18.71 -4.99
C LEU B 87 -2.92 -18.18 -3.60
N GLY B 88 -3.99 -18.66 -2.99
CA GLY B 88 -4.34 -18.23 -1.66
C GLY B 88 -5.44 -17.20 -1.66
N ASP B 89 -5.74 -16.72 -0.45
CA ASP B 89 -6.77 -15.70 -0.23
C ASP B 89 -8.13 -16.17 -0.72
N TYR B 90 -8.61 -17.23 -0.09
CA TYR B 90 -9.93 -17.76 -0.34
C TYR B 90 -10.98 -17.15 0.57
N VAL B 91 -10.59 -16.67 1.73
CA VAL B 91 -11.53 -16.15 2.71
C VAL B 91 -11.42 -14.63 2.79
N ASP B 92 -12.26 -14.04 3.65
CA ASP B 92 -12.26 -12.62 3.98
C ASP B 92 -12.76 -11.74 2.85
N ARG B 93 -13.37 -10.61 3.23
CA ARG B 93 -13.82 -9.53 2.35
C ARG B 93 -15.11 -9.85 1.63
N GLY B 94 -15.21 -11.04 1.02
CA GLY B 94 -16.41 -11.41 0.31
C GLY B 94 -17.48 -11.98 1.22
N LYS B 95 -18.69 -12.01 0.67
CA LYS B 95 -19.88 -12.35 1.44
C LYS B 95 -19.99 -13.83 1.73
N GLN B 96 -19.29 -14.68 0.98
CA GLN B 96 -19.45 -16.12 1.08
C GLN B 96 -18.07 -16.79 1.07
N SER B 97 -17.32 -16.61 2.16
CA SER B 97 -16.06 -17.32 2.33
C SER B 97 -16.26 -18.81 2.60
N LEU B 98 -17.36 -19.18 3.25
CA LEU B 98 -17.55 -20.58 3.63
C LEU B 98 -17.78 -21.46 2.40
N GLU B 99 -18.69 -21.05 1.51
CA GLU B 99 -18.89 -21.78 0.27
C GLU B 99 -17.63 -21.81 -0.59
N THR B 100 -16.85 -20.72 -0.59
CA THR B 100 -15.67 -20.66 -1.42
C THR B 100 -14.63 -21.69 -0.99
N ILE B 101 -14.27 -21.68 0.29
CA ILE B 101 -13.22 -22.58 0.77
C ILE B 101 -13.73 -24.01 0.81
N CYS B 102 -15.03 -24.21 1.04
CA CYS B 102 -15.55 -25.58 1.07
C CYS B 102 -15.47 -26.23 -0.29
N LEU B 103 -15.83 -25.49 -1.34
CA LEU B 103 -15.72 -26.01 -2.70
C LEU B 103 -14.28 -26.35 -3.04
N LEU B 104 -13.34 -25.52 -2.61
CA LEU B 104 -11.94 -25.72 -2.98
C LEU B 104 -11.32 -26.88 -2.22
N LEU B 105 -11.66 -27.01 -0.93
CA LEU B 105 -11.21 -28.17 -0.16
C LEU B 105 -11.84 -29.45 -0.69
N ALA B 106 -13.12 -29.42 -1.05
CA ALA B 106 -13.77 -30.59 -1.62
C ALA B 106 -13.15 -30.96 -2.96
N TYR B 107 -12.97 -29.98 -3.85
CA TYR B 107 -12.31 -30.26 -5.12
C TYR B 107 -10.90 -30.78 -4.90
N LYS B 108 -10.24 -30.34 -3.83
CA LYS B 108 -8.90 -30.83 -3.50
C LYS B 108 -8.94 -32.31 -3.11
N ILE B 109 -9.95 -32.71 -2.35
CA ILE B 109 -10.06 -34.11 -1.93
C ILE B 109 -10.49 -34.97 -3.11
N LYS B 110 -11.43 -34.49 -3.92
CA LYS B 110 -11.92 -35.24 -5.06
C LYS B 110 -10.81 -35.51 -6.09
N TYR B 111 -9.90 -34.56 -6.26
CA TYR B 111 -8.82 -34.67 -7.25
C TYR B 111 -7.51 -34.25 -6.61
N PRO B 112 -6.95 -35.08 -5.74
CA PRO B 112 -5.76 -34.66 -4.97
C PRO B 112 -4.53 -34.40 -5.82
N GLU B 113 -4.46 -34.91 -7.05
CA GLU B 113 -3.28 -34.74 -7.88
C GLU B 113 -3.52 -33.81 -9.06
N ASN B 114 -4.70 -33.19 -9.16
CA ASN B 114 -5.05 -32.31 -10.26
C ASN B 114 -5.62 -30.99 -9.76
N PHE B 115 -5.43 -30.67 -8.48
CA PHE B 115 -6.07 -29.50 -7.88
C PHE B 115 -5.28 -29.12 -6.65
N PHE B 116 -4.80 -27.87 -6.60
CA PHE B 116 -3.82 -27.46 -5.62
C PHE B 116 -4.12 -26.06 -5.11
N LEU B 117 -3.91 -25.85 -3.81
CA LEU B 117 -4.17 -24.58 -3.15
C LEU B 117 -2.92 -24.15 -2.40
N LEU B 118 -2.53 -22.89 -2.57
CA LEU B 118 -1.48 -22.28 -1.79
C LEU B 118 -2.07 -21.51 -0.63
N ARG B 119 -1.22 -21.17 0.33
CA ARG B 119 -1.60 -20.36 1.46
C ARG B 119 -1.45 -18.88 1.10
N GLY B 120 -2.51 -18.11 1.28
CA GLY B 120 -2.42 -16.67 1.17
C GLY B 120 -2.25 -16.03 2.54
N ASN B 121 -2.12 -14.70 2.53
CA ASN B 121 -1.95 -13.99 3.80
C ASN B 121 -3.24 -13.96 4.62
N HIS B 122 -4.39 -14.23 3.99
CA HIS B 122 -5.67 -14.31 4.67
C HIS B 122 -5.98 -15.71 5.21
N GLU B 123 -5.23 -16.74 4.82
CA GLU B 123 -5.28 -18.05 5.48
C GLU B 123 -4.44 -18.05 6.75
N CYS B 124 -4.69 -17.04 7.57
CA CYS B 124 -3.96 -16.82 8.81
C CYS B 124 -4.97 -16.39 9.85
N ALA B 125 -4.91 -17.02 11.02
CA ALA B 125 -5.91 -16.76 12.06
C ALA B 125 -5.91 -15.30 12.47
N SER B 126 -4.73 -14.71 12.69
CA SER B 126 -4.67 -13.31 13.10
C SER B 126 -5.20 -12.37 12.04
N ILE B 127 -5.32 -12.83 10.78
CA ILE B 127 -5.82 -11.98 9.71
C ILE B 127 -7.32 -12.17 9.53
N ASN B 128 -7.76 -13.42 9.31
CA ASN B 128 -9.17 -13.61 9.02
C ASN B 128 -10.04 -13.44 10.27
N ARG B 129 -9.42 -13.28 11.43
CA ARG B 129 -10.17 -12.90 12.62
C ARG B 129 -10.80 -11.52 12.46
N ILE B 130 -10.17 -10.63 11.71
CA ILE B 130 -10.63 -9.25 11.61
C ILE B 130 -11.22 -8.89 10.25
N TYR B 131 -10.93 -9.64 9.20
CA TYR B 131 -11.36 -9.23 7.86
C TYR B 131 -12.52 -10.07 7.33
N GLY B 132 -13.26 -10.74 8.20
CA GLY B 132 -14.54 -11.28 7.77
C GLY B 132 -14.80 -12.73 8.07
N PHE B 133 -13.79 -13.59 7.95
CA PHE B 133 -14.07 -15.02 8.00
C PHE B 133 -14.52 -15.46 9.38
N TYR B 134 -13.97 -14.85 10.42
CA TYR B 134 -14.39 -15.15 11.79
C TYR B 134 -15.85 -14.75 12.00
N ASP B 135 -16.24 -13.59 11.49
CA ASP B 135 -17.61 -13.14 11.68
C ASP B 135 -18.58 -13.99 10.86
N GLU B 136 -18.12 -14.57 9.75
CA GLU B 136 -18.98 -15.43 8.95
C GLU B 136 -19.16 -16.79 9.61
N CYS B 137 -18.09 -17.35 10.18
CA CYS B 137 -18.20 -18.62 10.90
C CYS B 137 -19.10 -18.48 12.12
N LYS B 138 -18.90 -17.42 12.89
CA LYS B 138 -19.67 -17.27 14.13
C LYS B 138 -21.14 -17.05 13.83
N ARG B 139 -21.42 -16.27 12.78
CA ARG B 139 -22.80 -15.99 12.42
C ARG B 139 -23.52 -17.21 11.87
N ARG B 140 -22.83 -18.07 11.13
CA ARG B 140 -23.49 -19.17 10.46
C ARG B 140 -23.22 -20.52 11.09
N TYR B 141 -22.10 -20.69 11.80
CA TYR B 141 -21.85 -21.92 12.54
C TYR B 141 -21.38 -21.57 13.96
N ASN B 142 -20.08 -21.71 14.24
CA ASN B 142 -19.54 -21.33 15.54
C ASN B 142 -18.04 -21.15 15.42
N ILE B 143 -17.40 -20.92 16.56
CA ILE B 143 -16.00 -20.53 16.58
C ILE B 143 -15.10 -21.77 16.57
N LYS B 144 -15.58 -22.89 17.11
CA LYS B 144 -14.90 -24.17 16.98
C LYS B 144 -14.64 -24.53 15.51
N LEU B 145 -15.56 -24.15 14.63
CA LEU B 145 -15.36 -24.33 13.19
C LEU B 145 -14.27 -23.41 12.66
N TRP B 146 -14.33 -22.11 13.01
CA TRP B 146 -13.27 -21.21 12.61
C TRP B 146 -11.92 -21.71 13.08
N LYS B 147 -11.84 -22.24 14.30
CA LYS B 147 -10.58 -22.76 14.80
C LYS B 147 -10.22 -24.08 14.16
N THR B 148 -11.18 -24.78 13.57
CA THR B 148 -10.85 -25.95 12.78
C THR B 148 -10.26 -25.55 11.43
N PHE B 149 -10.84 -24.52 10.80
CA PHE B 149 -10.24 -24.00 9.57
C PHE B 149 -8.80 -23.56 9.80
N THR B 150 -8.52 -22.98 10.98
CA THR B 150 -7.17 -22.50 11.24
C THR B 150 -6.18 -23.66 11.22
N ASP B 151 -6.53 -24.80 11.86
CA ASP B 151 -5.62 -25.94 11.85
C ASP B 151 -5.41 -26.47 10.44
N CYS B 152 -6.44 -26.38 9.59
CA CYS B 152 -6.27 -26.79 8.20
C CYS B 152 -5.44 -25.76 7.43
N PHE B 153 -5.68 -24.47 7.66
CA PHE B 153 -4.93 -23.44 6.94
C PHE B 153 -3.44 -23.51 7.28
N ASN B 154 -3.11 -23.87 8.53
CA ASN B 154 -1.73 -23.94 8.97
C ASN B 154 -0.94 -25.03 8.26
N CYS B 155 -1.61 -25.86 7.45
CA CYS B 155 -0.96 -26.95 6.74
C CYS B 155 -0.95 -26.74 5.24
N LEU B 156 -1.47 -25.63 4.74
CA LEU B 156 -1.43 -25.37 3.31
C LEU B 156 0.01 -25.22 2.84
N PRO B 157 0.33 -25.70 1.64
CA PRO B 157 1.63 -25.41 1.05
C PRO B 157 1.81 -23.92 0.78
N ILE B 158 3.07 -23.52 0.63
CA ILE B 158 3.44 -22.10 0.59
C ILE B 158 3.76 -21.64 -0.82
N ALA B 159 4.37 -22.50 -1.62
CA ALA B 159 4.79 -22.12 -2.97
C ALA B 159 4.74 -23.33 -3.89
N ALA B 160 4.86 -23.06 -5.18
CA ALA B 160 4.82 -24.11 -6.18
C ALA B 160 5.73 -23.70 -7.32
N ILE B 161 6.31 -24.70 -7.99
CA ILE B 161 7.11 -24.47 -9.17
C ILE B 161 6.55 -25.33 -10.29
N VAL B 162 6.32 -24.71 -11.44
CA VAL B 162 5.71 -25.39 -12.59
C VAL B 162 6.80 -25.61 -13.64
N ASP B 163 7.07 -26.88 -13.95
CA ASP B 163 8.00 -27.26 -15.01
C ASP B 163 9.38 -26.65 -14.81
N GLU B 164 9.78 -26.47 -13.55
CA GLU B 164 11.08 -25.93 -13.18
C GLU B 164 11.31 -24.52 -13.70
N LYS B 165 10.25 -23.80 -14.05
CA LYS B 165 10.40 -22.50 -14.70
C LYS B 165 9.48 -21.41 -14.18
N ILE B 166 8.38 -21.72 -13.51
CA ILE B 166 7.47 -20.70 -13.02
C ILE B 166 7.38 -20.87 -11.51
N PHE B 167 7.89 -19.89 -10.77
CA PHE B 167 7.78 -19.89 -9.32
C PHE B 167 6.48 -19.20 -8.90
N CYS B 168 5.68 -19.87 -8.08
CA CYS B 168 4.35 -19.40 -7.69
C CYS B 168 4.25 -19.29 -6.18
N CYS B 169 3.85 -18.12 -5.71
CA CYS B 169 3.56 -17.92 -4.30
C CYS B 169 2.49 -16.84 -4.22
N HIS B 170 2.01 -16.59 -3.02
CA HIS B 170 0.95 -15.61 -2.89
C HIS B 170 1.50 -14.20 -2.93
N GLY B 171 2.43 -13.90 -2.04
CA GLY B 171 2.96 -12.56 -1.92
C GLY B 171 4.09 -12.30 -2.88
N GLY B 172 5.29 -12.69 -2.54
CA GLY B 172 6.41 -12.41 -3.44
C GLY B 172 7.73 -12.87 -2.86
N LEU B 173 8.80 -12.25 -3.33
CA LEU B 173 10.14 -12.68 -2.99
C LEU B 173 10.48 -12.31 -1.55
N SER B 174 11.61 -12.85 -1.09
CA SER B 174 12.14 -12.61 0.24
C SER B 174 13.64 -12.38 0.15
N PRO B 175 14.17 -11.42 0.91
CA PRO B 175 15.63 -11.32 1.02
C PRO B 175 16.25 -12.54 1.64
N ASP B 176 15.48 -13.32 2.40
CA ASP B 176 16.02 -14.51 3.04
C ASP B 176 16.10 -15.70 2.09
N LEU B 177 15.37 -15.68 0.99
CA LEU B 177 15.24 -16.83 0.12
C LEU B 177 16.47 -16.91 -0.77
N GLN B 178 17.41 -17.77 -0.40
CA GLN B 178 18.59 -18.02 -1.20
C GLN B 178 18.55 -19.38 -1.88
N SER B 179 17.90 -20.35 -1.26
CA SER B 179 17.78 -21.69 -1.80
C SER B 179 16.35 -22.16 -1.60
N MET B 180 15.89 -22.98 -2.56
CA MET B 180 14.54 -23.54 -2.44
C MET B 180 14.43 -24.46 -1.23
N GLU B 181 15.53 -25.10 -0.83
CA GLU B 181 15.49 -25.97 0.35
C GLU B 181 15.05 -25.24 1.61
N GLN B 182 15.21 -23.90 1.65
CA GLN B 182 14.68 -23.15 2.78
C GLN B 182 13.17 -23.29 2.87
N ILE B 183 12.47 -23.31 1.72
CA ILE B 183 11.02 -23.48 1.74
C ILE B 183 10.62 -24.87 2.21
N ARG B 184 11.31 -25.90 1.71
CA ARG B 184 10.95 -27.27 2.06
C ARG B 184 11.12 -27.50 3.56
N ARG B 185 12.17 -26.95 4.16
CA ARG B 185 12.44 -27.19 5.57
C ARG B 185 11.58 -26.35 6.50
N ILE B 186 10.51 -25.75 5.98
CA ILE B 186 9.45 -25.23 6.83
C ILE B 186 8.53 -26.39 7.17
N MET B 187 8.26 -26.56 8.47
CA MET B 187 7.45 -27.66 8.96
C MET B 187 6.04 -27.19 9.24
N ARG B 188 5.07 -28.08 9.01
CA ARG B 188 3.66 -27.79 9.23
C ARG B 188 3.10 -28.71 10.29
N PRO B 189 2.04 -28.30 10.98
CA PRO B 189 1.35 -27.02 10.85
C PRO B 189 2.18 -25.84 11.36
N THR B 190 1.93 -24.66 10.79
CA THR B 190 2.62 -23.45 11.21
C THR B 190 1.68 -22.28 11.09
N ASP B 191 1.79 -21.35 12.04
CA ASP B 191 1.20 -20.04 11.83
C ASP B 191 2.15 -19.21 10.97
N VAL B 192 1.71 -18.02 10.61
CA VAL B 192 2.52 -17.10 9.79
C VAL B 192 3.19 -16.12 10.74
N PRO B 193 4.52 -16.11 10.85
CA PRO B 193 5.18 -15.13 11.70
C PRO B 193 4.97 -13.72 11.16
N ASP B 194 5.18 -12.74 12.03
CA ASP B 194 5.10 -11.34 11.62
C ASP B 194 6.30 -10.90 10.81
N GLN B 195 7.33 -11.74 10.69
CA GLN B 195 8.44 -11.46 9.80
C GLN B 195 9.11 -12.79 9.48
N GLY B 196 10.00 -12.76 8.48
CA GLY B 196 10.76 -13.93 8.11
C GLY B 196 10.47 -14.34 6.68
N LEU B 197 11.09 -15.47 6.30
CA LEU B 197 10.93 -16.01 4.97
C LEU B 197 9.47 -16.37 4.67
N LEU B 198 8.81 -17.07 5.60
CA LEU B 198 7.40 -17.45 5.39
C LEU B 198 6.51 -16.21 5.23
N CYS B 199 6.67 -15.23 6.13
CA CYS B 199 5.93 -13.99 6.01
C CYS B 199 6.08 -13.37 4.63
N ASP B 200 7.32 -13.21 4.16
CA ASP B 200 7.59 -12.52 2.90
C ASP B 200 6.92 -13.22 1.73
N LEU B 201 7.00 -14.55 1.68
CA LEU B 201 6.36 -15.28 0.59
C LEU B 201 4.85 -15.06 0.55
N LEU B 202 4.22 -14.67 1.66
CA LEU B 202 2.79 -14.40 1.68
C LEU B 202 2.43 -12.92 1.63
N TRP B 203 3.39 -12.00 1.86
CA TRP B 203 3.06 -10.60 2.08
C TRP B 203 3.80 -9.59 1.21
N SER B 204 4.94 -9.96 0.62
CA SER B 204 5.73 -8.95 -0.08
C SER B 204 5.07 -8.57 -1.40
N ASP B 205 5.48 -7.41 -1.93
CA ASP B 205 4.96 -6.86 -3.18
C ASP B 205 6.10 -6.37 -4.06
N PRO B 206 5.95 -6.42 -5.37
CA PRO B 206 6.88 -5.74 -6.26
C PRO B 206 6.58 -4.25 -6.33
N ASP B 207 7.61 -3.49 -6.68
CA ASP B 207 7.49 -2.03 -6.76
C ASP B 207 8.45 -1.53 -7.82
N LYS B 208 7.96 -0.70 -8.73
CA LYS B 208 8.79 -0.22 -9.83
C LYS B 208 9.80 0.85 -9.42
N ASP B 209 9.58 1.52 -8.29
CA ASP B 209 10.47 2.56 -7.80
C ASP B 209 11.51 2.05 -6.80
N VAL B 210 11.39 0.83 -6.29
CA VAL B 210 12.35 0.31 -5.32
C VAL B 210 13.57 -0.24 -6.08
N LEU B 211 14.77 0.19 -5.66
CA LEU B 211 15.99 -0.29 -6.30
C LEU B 211 16.28 -1.74 -5.93
N GLY B 212 16.40 -2.00 -4.63
CA GLY B 212 16.54 -3.36 -4.15
C GLY B 212 15.35 -3.84 -3.32
N TRP B 213 15.56 -3.96 -2.01
CA TRP B 213 14.53 -4.28 -1.03
C TRP B 213 14.13 -3.01 -0.29
N GLY B 214 12.83 -2.79 -0.13
CA GLY B 214 12.31 -1.53 0.36
C GLY B 214 11.24 -1.72 1.43
N GLU B 215 10.91 -0.61 2.09
CA GLU B 215 9.81 -0.59 3.04
C GLU B 215 8.49 -0.97 2.34
N ASN B 216 7.64 -1.73 3.04
CA ASN B 216 6.29 -2.04 2.56
C ASN B 216 5.26 -1.32 3.43
N ASP B 217 4.41 -0.52 2.80
CA ASP B 217 3.34 0.26 3.43
C ASP B 217 2.34 -0.59 4.25
N ARG B 218 2.24 -1.88 3.97
CA ARG B 218 1.37 -2.76 4.77
C ARG B 218 1.75 -2.78 6.24
N GLY B 219 2.89 -2.21 6.62
CA GLY B 219 3.50 -2.44 7.91
C GLY B 219 4.05 -3.84 8.07
N VAL B 220 4.20 -4.59 6.98
CA VAL B 220 4.58 -6.00 7.01
C VAL B 220 5.44 -6.25 5.78
N SER B 221 6.49 -7.05 5.96
CA SER B 221 7.34 -7.58 4.88
C SER B 221 8.02 -6.43 4.11
N PHE B 222 8.21 -6.63 2.81
CA PHE B 222 9.03 -5.74 1.99
C PHE B 222 8.33 -5.45 0.66
N THR B 223 8.86 -4.45 -0.04
CA THR B 223 8.74 -4.34 -1.49
C THR B 223 10.07 -4.74 -2.10
N PHE B 224 10.03 -5.16 -3.36
CA PHE B 224 11.22 -5.53 -4.09
C PHE B 224 11.14 -5.01 -5.52
N GLY B 225 12.30 -4.60 -6.04
CA GLY B 225 12.39 -4.00 -7.36
C GLY B 225 12.60 -5.03 -8.46
N ALA B 226 12.69 -4.51 -9.70
CA ALA B 226 12.79 -5.38 -10.87
C ALA B 226 14.15 -6.06 -10.95
N GLU B 227 15.21 -5.38 -10.51
CA GLU B 227 16.53 -5.99 -10.51
C GLU B 227 16.57 -7.21 -9.58
N VAL B 228 15.82 -7.17 -8.48
CA VAL B 228 15.75 -8.32 -7.59
C VAL B 228 15.11 -9.50 -8.29
N VAL B 229 14.07 -9.25 -9.10
CA VAL B 229 13.40 -10.31 -9.83
C VAL B 229 14.35 -10.96 -10.83
N ALA B 230 15.08 -10.16 -11.59
CA ALA B 230 15.98 -10.73 -12.58
C ALA B 230 17.04 -11.61 -11.93
N LYS B 231 17.72 -11.09 -10.89
CA LYS B 231 18.74 -11.88 -10.19
C LYS B 231 18.15 -13.18 -9.66
N PHE B 232 16.95 -13.14 -9.12
CA PHE B 232 16.38 -14.36 -8.56
C PHE B 232 16.08 -15.37 -9.65
N LEU B 233 15.48 -14.92 -10.76
CA LEU B 233 15.21 -15.82 -11.87
C LEU B 233 16.49 -16.41 -12.46
N HIS B 234 17.52 -15.59 -12.62
CA HIS B 234 18.77 -16.10 -13.19
C HIS B 234 19.43 -17.09 -12.24
N LYS B 235 19.41 -16.81 -10.95
CA LYS B 235 20.07 -17.65 -9.95
C LYS B 235 19.42 -19.04 -9.87
N HIS B 236 18.11 -19.13 -10.08
CA HIS B 236 17.41 -20.40 -9.95
C HIS B 236 16.98 -20.96 -11.30
N ASP B 237 17.43 -20.36 -12.41
CA ASP B 237 17.13 -20.86 -13.75
C ASP B 237 15.62 -20.90 -13.98
N LEU B 238 14.95 -19.82 -13.60
CA LEU B 238 13.51 -19.69 -13.77
C LEU B 238 13.21 -18.62 -14.81
N ASP B 239 12.02 -18.72 -15.37
CA ASP B 239 11.55 -17.74 -16.34
C ASP B 239 10.52 -16.78 -15.80
N LEU B 240 9.66 -17.21 -14.88
CA LEU B 240 8.53 -16.39 -14.49
C LEU B 240 8.23 -16.53 -13.01
N ILE B 241 7.91 -15.40 -12.37
CA ILE B 241 7.30 -15.37 -11.05
C ILE B 241 5.81 -15.12 -11.23
N CYS B 242 4.99 -15.91 -10.54
CA CYS B 242 3.54 -15.78 -10.58
C CYS B 242 3.02 -15.62 -9.15
N ARG B 243 2.28 -14.54 -8.91
CA ARG B 243 1.83 -14.17 -7.57
C ARG B 243 0.47 -13.50 -7.65
N ALA B 244 -0.11 -13.21 -6.49
CA ALA B 244 -1.41 -12.55 -6.38
C ALA B 244 -1.31 -11.32 -5.49
N HIS B 245 -2.17 -11.23 -4.46
CA HIS B 245 -1.95 -10.41 -3.26
C HIS B 245 -2.30 -8.93 -3.48
N GLN B 246 -2.46 -8.53 -4.74
CA GLN B 246 -2.72 -7.14 -5.10
C GLN B 246 -3.76 -7.08 -6.22
N VAL B 247 -4.68 -6.11 -6.10
CA VAL B 247 -5.70 -5.87 -7.11
C VAL B 247 -5.08 -5.25 -8.36
N VAL B 248 -5.34 -5.83 -9.52
CA VAL B 248 -4.89 -5.27 -10.79
C VAL B 248 -6.10 -5.09 -11.69
N GLU B 249 -6.11 -3.99 -12.45
CA GLU B 249 -7.33 -3.53 -13.10
C GLU B 249 -7.82 -4.53 -14.16
N ASP B 250 -6.90 -5.15 -14.88
CA ASP B 250 -7.25 -6.06 -15.96
C ASP B 250 -7.16 -7.52 -15.54
N GLY B 251 -7.20 -7.80 -14.24
CA GLY B 251 -7.10 -9.14 -13.72
C GLY B 251 -5.70 -9.70 -13.62
N TYR B 252 -4.79 -9.23 -14.47
CA TYR B 252 -3.38 -9.55 -14.39
C TYR B 252 -2.57 -8.32 -14.74
N GLU B 253 -1.32 -8.29 -14.29
CA GLU B 253 -0.41 -7.20 -14.62
C GLU B 253 1.00 -7.73 -14.61
N PHE B 254 1.74 -7.46 -15.68
CA PHE B 254 3.14 -7.83 -15.73
C PHE B 254 3.98 -6.84 -14.93
N PHE B 255 5.15 -7.33 -14.51
CA PHE B 255 6.14 -6.53 -13.82
C PHE B 255 7.51 -6.95 -14.33
N ALA B 256 8.41 -5.97 -14.45
CA ALA B 256 9.81 -6.19 -14.83
C ALA B 256 9.93 -6.88 -16.19
N LYS B 257 9.42 -6.23 -17.23
CA LYS B 257 9.51 -6.76 -18.59
C LYS B 257 9.05 -8.21 -18.65
N ARG B 258 7.82 -8.45 -18.18
CA ARG B 258 7.16 -9.75 -18.19
C ARG B 258 7.90 -10.83 -17.39
N GLN B 259 8.86 -10.47 -16.54
CA GLN B 259 9.47 -11.46 -15.66
C GLN B 259 8.61 -11.82 -14.46
N LEU B 260 7.70 -10.94 -14.06
CA LEU B 260 6.75 -11.23 -12.99
C LEU B 260 5.36 -10.84 -13.46
N VAL B 261 4.36 -11.59 -13.00
CA VAL B 261 2.96 -11.28 -13.27
C VAL B 261 2.17 -11.41 -11.97
N THR B 262 1.25 -10.48 -11.77
CA THR B 262 0.31 -10.49 -10.66
C THR B 262 -1.06 -10.90 -11.19
N LEU B 263 -1.73 -11.80 -10.46
CA LEU B 263 -3.06 -12.24 -10.84
C LEU B 263 -4.01 -11.96 -9.69
N PHE B 264 -5.18 -11.42 -10.00
CA PHE B 264 -6.21 -11.17 -9.01
C PHE B 264 -7.54 -11.64 -9.60
N SER B 265 -8.15 -12.65 -8.97
CA SER B 265 -9.22 -13.40 -9.60
C SER B 265 -10.59 -13.07 -9.04
N ALA B 266 -10.71 -11.98 -8.29
CA ALA B 266 -12.00 -11.54 -7.74
C ALA B 266 -12.42 -10.26 -8.45
N PRO B 267 -13.32 -10.34 -9.43
CA PRO B 267 -13.70 -9.13 -10.17
C PRO B 267 -14.53 -8.19 -9.31
N ASN B 268 -14.48 -6.91 -9.67
CA ASN B 268 -15.13 -5.84 -8.91
C ASN B 268 -14.99 -6.08 -7.42
N TYR B 269 -13.73 -6.13 -6.98
CA TYR B 269 -13.38 -6.54 -5.63
C TYR B 269 -14.12 -5.74 -4.57
N CYS B 270 -14.84 -6.45 -3.69
CA CYS B 270 -15.60 -5.88 -2.57
C CYS B 270 -16.69 -4.91 -2.99
N GLY B 271 -17.01 -4.86 -4.28
CA GLY B 271 -17.93 -3.86 -4.76
C GLY B 271 -17.29 -2.49 -4.76
N GLU B 272 -15.97 -2.45 -4.58
CA GLU B 272 -15.28 -1.18 -4.39
C GLU B 272 -14.36 -0.82 -5.53
N PHE B 273 -13.76 -1.79 -6.20
CA PHE B 273 -12.77 -1.54 -7.23
C PHE B 273 -13.35 -1.87 -8.60
N ASP B 274 -12.75 -1.29 -9.64
CA ASP B 274 -13.21 -1.53 -11.02
C ASP B 274 -12.32 -2.54 -11.73
N ASN B 275 -12.10 -3.72 -11.14
CA ASN B 275 -11.13 -4.66 -11.70
C ASN B 275 -11.83 -5.87 -12.33
N ALA B 276 -11.16 -6.44 -13.31
CA ALA B 276 -11.54 -7.73 -13.87
C ALA B 276 -10.83 -8.84 -13.09
N GLY B 277 -11.28 -10.07 -13.30
CA GLY B 277 -10.65 -11.24 -12.74
C GLY B 277 -9.91 -11.97 -13.86
N ALA B 278 -8.80 -12.60 -13.53
CA ALA B 278 -8.04 -13.31 -14.56
C ALA B 278 -7.43 -14.57 -13.99
N MET B 279 -7.31 -15.59 -14.84
CA MET B 279 -6.50 -16.76 -14.55
C MET B 279 -5.50 -16.94 -15.67
N MET B 280 -4.33 -17.49 -15.33
CA MET B 280 -3.28 -17.76 -16.30
C MET B 280 -3.33 -19.24 -16.66
N SER B 281 -3.62 -19.52 -17.93
CA SER B 281 -3.64 -20.87 -18.49
C SER B 281 -2.26 -21.19 -19.05
N VAL B 282 -1.63 -22.22 -18.51
CA VAL B 282 -0.29 -22.63 -18.91
C VAL B 282 -0.43 -23.93 -19.67
N ASP B 283 -0.11 -23.91 -20.97
CA ASP B 283 -0.21 -25.13 -21.75
C ASP B 283 1.06 -25.97 -21.59
N GLU B 284 1.11 -27.09 -22.29
CA GLU B 284 2.20 -28.04 -22.10
C GLU B 284 3.55 -27.46 -22.51
N THR B 285 3.58 -26.53 -23.46
CA THR B 285 4.82 -25.90 -23.90
C THR B 285 5.19 -24.69 -23.06
N LEU B 286 4.52 -24.50 -21.92
CA LEU B 286 4.70 -23.33 -21.04
C LEU B 286 4.35 -22.02 -21.72
N MET B 287 3.46 -22.05 -22.71
CA MET B 287 2.92 -20.82 -23.26
C MET B 287 1.73 -20.41 -22.41
N CYS B 288 1.82 -19.21 -21.85
CA CYS B 288 0.88 -18.73 -20.85
C CYS B 288 -0.12 -17.78 -21.48
N SER B 289 -1.40 -18.07 -21.30
CA SER B 289 -2.49 -17.23 -21.77
C SER B 289 -3.29 -16.77 -20.56
N PHE B 290 -4.01 -15.67 -20.74
CA PHE B 290 -4.75 -15.05 -19.64
C PHE B 290 -6.23 -15.07 -19.98
N GLN B 291 -7.00 -15.84 -19.23
CA GLN B 291 -8.44 -15.89 -19.40
C GLN B 291 -9.06 -14.87 -18.45
N ILE B 292 -9.72 -13.86 -19.00
CA ILE B 292 -10.22 -12.72 -18.24
C ILE B 292 -11.69 -12.93 -17.93
N LEU B 293 -12.05 -12.68 -16.68
CA LEU B 293 -13.45 -12.64 -16.27
C LEU B 293 -13.78 -11.17 -16.01
N LYS B 294 -14.59 -10.58 -16.88
CA LYS B 294 -14.72 -9.14 -16.89
C LYS B 294 -16.17 -8.73 -16.66
N PRO B 295 -16.44 -7.80 -15.76
CA PRO B 295 -17.82 -7.40 -15.50
C PRO B 295 -18.34 -6.41 -16.53
N ALA B 296 -19.62 -6.52 -16.86
CA ALA B 296 -20.30 -5.66 -17.84
C ALA B 296 -20.24 -4.19 -17.45
N ARG C 13 -9.57 36.30 -11.41
CA ARG C 13 -10.57 35.24 -11.35
C ARG C 13 -10.41 34.33 -10.13
N ARG C 14 -9.25 34.46 -9.45
CA ARG C 14 -8.88 33.71 -8.25
C ARG C 14 -9.05 32.19 -8.44
N ARG C 15 -8.10 31.53 -9.11
CA ARG C 15 -8.27 30.16 -9.59
C ARG C 15 -6.93 29.47 -9.75
N VAL C 16 -6.89 28.14 -9.54
CA VAL C 16 -5.61 27.47 -9.59
C VAL C 16 -5.19 27.28 -11.04
N SER C 17 -3.96 27.64 -11.32
CA SER C 17 -3.31 27.32 -12.58
C SER C 17 -2.02 26.56 -12.28
N PHE C 18 -1.42 25.98 -13.31
CA PHE C 18 -0.14 25.29 -13.18
C PHE C 18 0.83 25.86 -14.20
N GLY C 19 2.03 26.20 -13.72
CA GLY C 19 3.09 26.71 -14.56
C GLY C 19 3.79 25.63 -15.35
N GLY C 20 4.70 26.05 -16.20
CA GLY C 20 5.50 25.12 -16.98
C GLY C 20 6.51 24.40 -16.13
N HIS C 21 7.10 23.36 -16.72
CA HIS C 21 8.14 22.61 -16.04
C HIS C 21 9.31 23.53 -15.69
N LEU C 22 9.90 23.28 -14.53
CA LEU C 22 11.04 24.04 -14.03
C LEU C 22 12.24 23.11 -13.92
N ARG C 23 13.40 23.60 -14.37
CA ARG C 23 14.65 22.88 -14.22
C ARG C 23 14.95 22.68 -12.74
N PRO C 24 15.29 21.48 -12.33
CA PRO C 24 15.40 21.20 -10.88
C PRO C 24 16.76 21.59 -10.33
N GLU C 25 16.85 21.73 -9.01
CA GLU C 25 18.13 21.90 -8.35
CA GLU C 25 18.14 21.94 -8.40
C GLU C 25 18.81 20.57 -8.40
N LEU C 26 19.91 20.44 -9.11
CA LEU C 26 20.62 19.17 -9.17
C LEU C 26 21.67 19.15 -8.06
N PHE C 27 21.67 18.10 -7.20
CA PHE C 27 22.61 18.04 -6.09
C PHE C 27 23.37 16.71 -6.07
N ASP C 28 24.58 16.78 -5.52
CA ASP C 28 25.36 15.59 -5.22
C ASP C 28 25.16 15.27 -3.74
N GLU C 29 24.67 14.06 -3.44
CA GLU C 29 24.41 13.69 -2.06
C GLU C 29 25.63 13.88 -1.15
N ASN C 30 26.85 13.91 -1.71
CA ASN C 30 28.07 14.08 -0.93
C ASN C 30 28.54 15.53 -0.83
N LEU C 31 27.92 16.43 -1.53
CA LEU C 31 28.32 17.83 -1.47
C LEU C 31 27.48 18.59 -0.44
N PRO C 32 28.03 19.63 0.18
CA PRO C 32 27.28 20.41 1.16
C PRO C 32 26.05 21.03 0.52
N PRO C 33 24.97 21.20 1.28
CA PRO C 33 23.80 21.93 0.74
C PRO C 33 24.16 23.31 0.22
N ASN C 34 25.28 23.87 0.69
CA ASN C 34 25.87 25.11 0.21
C ASN C 34 26.36 25.02 -1.23
N MET C 35 26.66 23.82 -1.72
CA MET C 35 27.30 23.63 -3.03
C MET C 35 26.39 22.82 -3.95
N PRO C 36 25.37 23.44 -4.55
CA PRO C 36 24.52 22.70 -5.49
C PRO C 36 25.21 22.53 -6.83
N LEU C 37 24.83 21.49 -7.57
CA LEU C 37 25.46 21.28 -8.86
C LEU C 37 24.90 22.25 -9.91
N LYS C 38 23.56 22.29 -10.02
CA LYS C 38 22.84 23.18 -10.93
C LYS C 38 21.78 23.90 -10.14
N ARG C 39 21.70 25.22 -10.27
CA ARG C 39 20.63 25.98 -9.65
C ARG C 39 19.31 25.68 -10.35
N GLY C 40 18.32 25.24 -9.58
CA GLY C 40 17.02 24.95 -10.16
C GLY C 40 16.33 26.23 -10.59
N GLU C 41 15.52 26.11 -11.64
CA GLU C 41 14.85 27.29 -12.18
C GLU C 41 13.83 27.85 -11.20
N ALA C 42 13.76 29.16 -11.13
CA ALA C 42 12.84 29.83 -10.22
C ALA C 42 11.50 30.10 -10.89
N PRO C 43 10.36 30.14 -10.11
CA PRO C 43 9.07 30.48 -10.74
C PRO C 43 8.82 31.98 -10.90
N THR C 44 8.24 32.37 -12.03
CA THR C 44 7.99 33.76 -12.39
C THR C 44 6.51 33.98 -12.68
N LYS C 45 5.97 35.05 -12.11
CA LYS C 45 4.59 35.47 -12.35
C LYS C 45 4.39 35.91 -13.79
N ARG D 13 13.86 -27.68 -24.96
CA ARG D 13 13.80 -27.26 -23.58
C ARG D 13 12.60 -26.34 -23.33
N ARG D 14 11.83 -26.65 -22.29
CA ARG D 14 10.63 -25.88 -21.98
C ARG D 14 11.01 -24.46 -21.55
N ARG D 15 10.40 -23.47 -22.18
CA ARG D 15 10.63 -22.07 -21.84
C ARG D 15 9.30 -21.35 -21.85
N VAL D 16 9.18 -20.36 -20.96
CA VAL D 16 7.94 -19.59 -20.83
C VAL D 16 7.80 -18.65 -22.02
N SER D 17 6.64 -18.69 -22.67
CA SER D 17 6.22 -17.68 -23.62
C SER D 17 4.78 -17.30 -23.32
N PHE D 18 4.26 -16.32 -24.04
CA PHE D 18 2.93 -15.80 -23.79
C PHE D 18 2.10 -15.78 -25.06
N GLY D 19 0.86 -16.23 -24.96
CA GLY D 19 -0.04 -16.27 -26.09
C GLY D 19 -0.71 -14.93 -26.36
N GLY D 20 -1.54 -14.91 -27.39
CA GLY D 20 -2.23 -13.70 -27.77
C GLY D 20 -3.42 -13.42 -26.86
N HIS D 21 -3.97 -12.21 -27.01
CA HIS D 21 -5.10 -11.80 -26.20
C HIS D 21 -6.30 -12.71 -26.42
N LEU D 22 -7.00 -13.03 -25.33
CA LEU D 22 -8.21 -13.84 -25.37
C LEU D 22 -9.40 -12.99 -24.94
N ARG D 23 -10.44 -12.99 -25.76
CA ARG D 23 -11.66 -12.25 -25.44
C ARG D 23 -12.20 -12.68 -24.09
N PRO D 24 -12.45 -11.75 -23.18
CA PRO D 24 -12.89 -12.13 -21.83
C PRO D 24 -14.27 -12.73 -21.83
N GLU D 25 -14.57 -13.49 -20.78
CA GLU D 25 -15.94 -13.90 -20.49
C GLU D 25 -16.59 -12.75 -19.73
N LEU D 26 -17.54 -12.09 -20.40
CA LEU D 26 -18.26 -10.94 -19.86
C LEU D 26 -19.50 -11.42 -19.10
N PHE D 27 -19.67 -10.91 -17.88
CA PHE D 27 -20.75 -11.35 -16.99
C PHE D 27 -21.43 -10.14 -16.35
N ASP D 28 -22.71 -10.32 -16.04
CA ASP D 28 -23.49 -9.37 -15.25
C ASP D 28 -23.51 -9.85 -13.81
N GLU D 29 -23.21 -8.93 -12.89
CA GLU D 29 -23.16 -9.28 -11.48
C GLU D 29 -24.49 -9.86 -10.99
N ASN D 30 -25.61 -9.43 -11.56
CA ASN D 30 -26.93 -9.86 -11.13
C ASN D 30 -27.35 -11.20 -11.71
N LEU D 31 -26.62 -11.73 -12.72
CA LEU D 31 -27.05 -12.97 -13.35
C LEU D 31 -26.36 -14.18 -12.73
N PRO D 32 -26.96 -15.36 -12.85
CA PRO D 32 -26.34 -16.58 -12.32
C PRO D 32 -25.02 -16.85 -13.01
N PRO D 33 -24.14 -17.61 -12.36
CA PRO D 33 -22.83 -17.89 -12.98
C PRO D 33 -22.93 -18.62 -14.31
N ASN D 34 -23.83 -19.60 -14.44
CA ASN D 34 -23.99 -20.34 -15.68
C ASN D 34 -24.89 -19.61 -16.68
N MET D 35 -24.85 -18.28 -16.65
CA MET D 35 -25.52 -17.44 -17.63
C MET D 35 -24.64 -16.24 -17.97
N PRO D 36 -23.47 -16.45 -18.56
CA PRO D 36 -22.62 -15.31 -18.94
C PRO D 36 -23.24 -14.52 -20.10
N LEU D 37 -22.84 -13.25 -20.19
CA LEU D 37 -23.34 -12.41 -21.27
C LEU D 37 -22.63 -12.70 -22.59
N LYS D 38 -21.36 -13.10 -22.51
CA LYS D 38 -20.60 -13.45 -23.69
C LYS D 38 -19.54 -14.44 -23.26
N ARG D 39 -19.54 -15.62 -23.89
CA ARG D 39 -18.58 -16.65 -23.54
C ARG D 39 -17.17 -16.18 -23.91
N GLY D 40 -16.21 -16.45 -23.03
CA GLY D 40 -14.84 -16.08 -23.29
C GLY D 40 -14.17 -16.98 -24.31
N GLU D 41 -13.04 -16.51 -24.83
CA GLU D 41 -12.27 -17.26 -25.79
C GLU D 41 -11.36 -18.26 -25.07
N ALA D 42 -11.26 -19.46 -25.62
CA ALA D 42 -10.45 -20.52 -25.03
C ALA D 42 -9.01 -20.47 -25.56
N PRO D 43 -8.03 -20.89 -24.76
CA PRO D 43 -6.66 -20.96 -25.28
C PRO D 43 -6.47 -22.19 -26.15
N THR D 44 -5.70 -22.02 -27.24
CA THR D 44 -5.32 -23.10 -28.11
C THR D 44 -3.81 -23.22 -28.14
N LYS D 45 -3.34 -24.44 -28.27
CA LYS D 45 -1.91 -24.76 -28.21
C LYS D 45 -1.21 -24.32 -29.49
#